data_3MJX
#
_entry.id   3MJX
#
_cell.length_a   89.308
_cell.length_b   147.026
_cell.length_c   154.594
_cell.angle_alpha   90.00
_cell.angle_beta   90.00
_cell.angle_gamma   90.00
#
_symmetry.space_group_name_H-M   'C 2 2 21'
#
loop_
_entity.id
_entity.type
_entity.pdbx_description
1 polymer 'Myosin-2 heavy chain'
2 non-polymer 'ADP METAVANADATE'
3 non-polymer 'MAGNESIUM ION'
4 non-polymer (-)-1-PHENYL-1,2,3,4-TETRAHYDRO-4-HYDROXYPYRROLO[2,3-B]-7-METHYLQUINOLIN-4-ONE
5 water water
#
_entity_poly.entity_id   1
_entity_poly.type   'polypeptide(L)'
_entity_poly.pdbx_seq_one_letter_code
;MHHHHHHHDGTENPIHDRTSDYHKYLKVKQGDSDLFKLTVSDKRYIWYNPDPKERDSYECGEIVSETSDSFTFKTVDGQD
RQVKKDDANQRNPIKFDGVEDMSELSYLNEPAVFHNLRVRYNQDLIYTYSGLFLVAVNPFKRIPIYTQEMVDIFKGRRRN
EVAPHIFAISDVAYRSMLDDRQNQSLLITGESGAGKTENTKKVIQYLASVAGRNQANGSGVLEQQILQANPILEAFGNAK
TTRNNNSSRFGKFIEIQFNSAGFISGASIQSYLLEKSRVVFQSETERNYHIFYQLLAGATAEEKKALHLAGPESFNYLNQ
SGCVDIKGVSDSEEFKITRQAMDIVGFSQEEQMSIFKIIAGILHLGNIKFEKGAGEGAVLKDKTALNAASTVFGVNPSVL
EKALMEPRILAGRDLVAQHLNVEKSSSSRDALVKALYGRLFLWLVKKINNVLCQERKAYFIGVLDISGFEIFKVNSFEQL
CINYTNEKLQQFFNHHMFKLEQEEYLKEKINWTFIDFGLDSQATIDLIDGRQPPGILALLDEQSVFPNATDNTLITKLHS
HFSKKNAKYEEPRFSKTEFGVTHYAGQVMYEIQDWLEKNKDPLQQDLELCFKDSSDNVVTKLFNDPNIASRAKKGANFIT
VAAQYKEQLASLMATLETTNPHFVRCIIPNNKQLPAKLEDKVVLDQLRCNGVLEGIRITRKGFPNRIIYADFVKRYYLLA
PNVPRDAEDSQKATDAVLKHLNIDPEQYRFGITKIFFRAGQLARIEEAREQRLESNEPPMDFDDDIPF
;
_entity_poly.pdbx_strand_id   A
#
# COMPACT_ATOMS: atom_id res chain seq x y z
N ASN A 13 29.72 13.02 -21.53
CA ASN A 13 28.28 12.88 -21.14
C ASN A 13 27.85 11.42 -21.17
N PRO A 14 27.62 10.83 -19.99
CA PRO A 14 27.20 9.43 -19.88
C PRO A 14 25.96 9.12 -20.72
N ILE A 15 25.15 10.15 -20.97
CA ILE A 15 23.94 10.00 -21.77
C ILE A 15 24.23 9.57 -23.20
N HIS A 16 25.30 10.10 -23.78
CA HIS A 16 25.67 9.75 -25.15
C HIS A 16 26.88 8.83 -25.25
N ASP A 17 27.28 8.26 -24.12
CA ASP A 17 28.41 7.35 -24.10
C ASP A 17 27.94 5.93 -23.84
N ARG A 18 27.84 5.15 -24.90
CA ARG A 18 27.37 3.78 -24.83
C ARG A 18 28.13 2.86 -23.88
N THR A 19 29.15 3.38 -23.21
CA THR A 19 29.93 2.56 -22.29
C THR A 19 29.59 2.86 -20.83
N SER A 20 28.91 3.99 -20.60
CA SER A 20 28.52 4.38 -19.25
C SER A 20 27.53 3.42 -18.61
N ASP A 21 27.49 3.40 -17.28
CA ASP A 21 26.57 2.54 -16.55
C ASP A 21 25.15 2.92 -16.97
N TYR A 22 24.97 4.21 -17.22
CA TYR A 22 23.69 4.74 -17.65
C TYR A 22 23.19 3.97 -18.87
N HIS A 23 24.04 3.89 -19.89
CA HIS A 23 23.67 3.17 -21.11
C HIS A 23 23.53 1.69 -20.83
N LYS A 24 24.43 1.18 -19.99
CA LYS A 24 24.43 -0.22 -19.63
C LYS A 24 23.19 -0.65 -18.86
N TYR A 25 22.73 0.20 -17.95
CA TYR A 25 21.58 -0.15 -17.12
C TYR A 25 20.25 0.56 -17.40
N LEU A 26 20.23 1.55 -18.29
CA LEU A 26 18.99 2.26 -18.57
C LEU A 26 18.57 2.36 -20.03
N LYS A 27 19.41 1.87 -20.95
CA LYS A 27 19.08 1.93 -22.38
C LYS A 27 19.03 0.53 -22.97
N VAL A 28 18.27 0.34 -24.04
CA VAL A 28 18.22 -1.00 -24.63
C VAL A 28 19.53 -1.16 -25.39
N LYS A 29 20.17 -2.31 -25.23
CA LYS A 29 21.44 -2.53 -25.89
C LYS A 29 21.37 -2.67 -27.41
N GLN A 30 22.45 -2.23 -28.05
CA GLN A 30 22.59 -2.25 -29.49
C GLN A 30 22.32 -3.64 -30.05
N GLY A 31 21.48 -3.72 -31.07
CA GLY A 31 21.17 -4.99 -31.69
C GLY A 31 22.23 -5.28 -32.74
N ASP A 32 22.40 -6.55 -33.11
CA ASP A 32 23.41 -6.90 -34.12
C ASP A 32 22.89 -6.91 -35.55
N SER A 33 23.80 -7.13 -36.50
CA SER A 33 23.46 -7.16 -37.92
C SER A 33 22.39 -8.19 -38.24
N ASP A 34 22.29 -9.23 -37.42
CA ASP A 34 21.28 -10.26 -37.63
C ASP A 34 19.90 -9.68 -37.26
N LEU A 35 19.87 -8.88 -36.20
CA LEU A 35 18.63 -8.26 -35.76
C LEU A 35 18.25 -7.19 -36.78
N PHE A 36 19.27 -6.53 -37.33
CA PHE A 36 19.04 -5.49 -38.32
C PHE A 36 18.34 -6.05 -39.54
N LYS A 37 18.71 -7.27 -39.93
CA LYS A 37 18.12 -7.91 -41.09
C LYS A 37 16.63 -8.17 -40.87
N LEU A 38 16.27 -8.54 -39.64
CA LEU A 38 14.87 -8.81 -39.30
C LEU A 38 14.10 -7.51 -39.19
N THR A 39 14.81 -6.45 -38.83
CA THR A 39 14.21 -5.13 -38.66
C THR A 39 13.87 -4.42 -39.97
N VAL A 40 14.57 -4.76 -41.06
CA VAL A 40 14.28 -4.14 -42.35
C VAL A 40 13.38 -5.04 -43.19
N SER A 41 12.91 -6.14 -42.61
CA SER A 41 12.04 -7.07 -43.31
C SER A 41 10.71 -6.45 -43.74
N ASP A 42 10.14 -6.98 -44.82
CA ASP A 42 8.85 -6.51 -45.35
C ASP A 42 7.69 -7.32 -44.80
N LYS A 43 8.01 -8.42 -44.13
CA LYS A 43 7.00 -9.31 -43.54
C LYS A 43 6.16 -8.58 -42.50
N ARG A 44 4.93 -9.05 -42.31
CA ARG A 44 4.02 -8.47 -41.33
C ARG A 44 3.54 -9.56 -40.38
N TYR A 45 3.48 -9.22 -39.10
CA TYR A 45 3.07 -10.18 -38.10
C TYR A 45 1.86 -9.79 -37.28
N ILE A 46 1.30 -10.78 -36.59
CA ILE A 46 0.11 -10.58 -35.76
C ILE A 46 0.21 -11.39 -34.47
N TRP A 47 -0.38 -10.86 -33.41
CA TRP A 47 -0.40 -11.56 -32.13
C TRP A 47 -1.74 -12.30 -32.07
N TYR A 48 -1.68 -13.61 -31.89
CA TYR A 48 -2.91 -14.41 -31.82
C TYR A 48 -2.88 -15.36 -30.63
N ASN A 49 -4.06 -15.87 -30.28
CA ASN A 49 -4.22 -16.81 -29.18
C ASN A 49 -4.26 -18.25 -29.67
N PRO A 50 -3.18 -19.02 -29.43
CA PRO A 50 -3.14 -20.41 -29.86
C PRO A 50 -4.35 -21.14 -29.29
N ASP A 51 -4.71 -20.76 -28.06
CA ASP A 51 -5.85 -21.35 -27.38
C ASP A 51 -6.87 -20.24 -27.13
N PRO A 52 -8.06 -20.35 -27.72
CA PRO A 52 -9.10 -19.32 -27.52
C PRO A 52 -9.57 -19.19 -26.08
N LYS A 53 -9.24 -20.18 -25.25
CA LYS A 53 -9.62 -20.15 -23.85
C LYS A 53 -8.61 -19.34 -23.03
N GLU A 54 -7.35 -19.37 -23.46
CA GLU A 54 -6.28 -18.64 -22.79
C GLU A 54 -6.02 -17.34 -23.57
N ARG A 55 -6.89 -16.37 -23.38
CA ARG A 55 -6.80 -15.07 -24.06
C ARG A 55 -5.53 -14.26 -23.80
N ASP A 56 -4.82 -14.55 -22.69
CA ASP A 56 -3.61 -13.80 -22.38
C ASP A 56 -2.31 -14.47 -22.82
N SER A 57 -2.43 -15.67 -23.37
CA SER A 57 -1.26 -16.38 -23.87
C SER A 57 -1.25 -16.09 -25.36
N TYR A 58 -0.23 -15.38 -25.82
CA TYR A 58 -0.12 -15.00 -27.22
C TYR A 58 1.10 -15.59 -27.92
N GLU A 59 0.96 -15.77 -29.23
CA GLU A 59 2.04 -16.27 -30.07
C GLU A 59 2.12 -15.32 -31.25
N CYS A 60 3.24 -15.34 -31.95
CA CYS A 60 3.43 -14.47 -33.10
C CYS A 60 3.26 -15.24 -34.42
N GLY A 61 2.35 -14.77 -35.26
CA GLY A 61 2.12 -15.42 -36.54
C GLY A 61 2.34 -14.46 -37.70
N GLU A 62 2.79 -14.99 -38.84
CA GLU A 62 3.05 -14.15 -40.01
C GLU A 62 1.81 -14.03 -40.89
N ILE A 63 1.50 -12.79 -41.28
CA ILE A 63 0.35 -12.56 -42.15
C ILE A 63 0.77 -12.94 -43.55
N VAL A 64 0.03 -13.84 -44.18
CA VAL A 64 0.37 -14.29 -45.52
C VAL A 64 -0.53 -13.69 -46.60
N SER A 65 -1.75 -13.34 -46.24
CA SER A 65 -2.68 -12.73 -47.20
C SER A 65 -3.77 -11.96 -46.48
N GLU A 66 -4.50 -11.16 -47.24
CA GLU A 66 -5.57 -10.36 -46.68
C GLU A 66 -6.66 -10.10 -47.71
N THR A 67 -7.85 -9.83 -47.22
CA THR A 67 -8.99 -9.50 -48.07
C THR A 67 -9.34 -8.11 -47.60
N SER A 68 -10.44 -7.56 -48.09
CA SER A 68 -10.84 -6.21 -47.71
C SER A 68 -11.09 -6.05 -46.22
N ASP A 69 -11.50 -7.13 -45.55
CA ASP A 69 -11.80 -7.04 -44.13
C ASP A 69 -11.15 -8.09 -43.22
N SER A 70 -10.09 -8.74 -43.70
CA SER A 70 -9.46 -9.75 -42.87
C SER A 70 -8.03 -10.11 -43.26
N PHE A 71 -7.34 -10.78 -42.33
CA PHE A 71 -5.98 -11.23 -42.53
C PHE A 71 -5.97 -12.73 -42.41
N THR A 72 -5.02 -13.37 -43.09
CA THR A 72 -4.85 -14.80 -42.99
C THR A 72 -3.39 -14.92 -42.61
N PHE A 73 -3.12 -15.54 -41.47
CA PHE A 73 -1.75 -15.71 -41.00
C PHE A 73 -1.40 -17.15 -40.70
N LYS A 74 -0.12 -17.40 -40.45
CA LYS A 74 0.38 -18.73 -40.14
C LYS A 74 0.70 -18.82 -38.65
N THR A 75 0.33 -19.95 -38.04
CA THR A 75 0.60 -20.16 -36.62
C THR A 75 2.01 -20.74 -36.47
N VAL A 76 2.50 -20.79 -35.24
CA VAL A 76 3.84 -21.32 -34.98
C VAL A 76 3.97 -22.75 -35.51
N ASP A 77 2.88 -23.51 -35.42
CA ASP A 77 2.87 -24.89 -35.88
C ASP A 77 2.70 -25.01 -37.40
N GLY A 78 3.00 -23.92 -38.11
CA GLY A 78 2.90 -23.94 -39.56
C GLY A 78 1.49 -24.12 -40.10
N GLN A 79 0.49 -23.74 -39.32
CA GLN A 79 -0.91 -23.86 -39.74
C GLN A 79 -1.42 -22.50 -40.20
N ASP A 80 -2.68 -22.40 -40.61
CA ASP A 80 -3.24 -21.14 -41.07
C ASP A 80 -4.61 -20.80 -40.49
N ARG A 81 -4.76 -19.55 -40.06
CA ARG A 81 -6.01 -19.06 -39.49
C ARG A 81 -6.35 -17.72 -40.12
N GLN A 82 -7.60 -17.32 -39.95
CA GLN A 82 -8.09 -16.07 -40.50
C GLN A 82 -8.72 -15.28 -39.35
N VAL A 83 -8.74 -13.95 -39.49
CA VAL A 83 -9.31 -13.08 -38.48
C VAL A 83 -9.75 -11.77 -39.13
N LYS A 84 -10.87 -11.23 -38.68
CA LYS A 84 -11.34 -9.96 -39.23
C LYS A 84 -10.34 -8.90 -38.80
N LYS A 85 -10.10 -7.94 -39.69
CA LYS A 85 -9.15 -6.87 -39.40
C LYS A 85 -9.54 -6.05 -38.18
N ASP A 86 -10.83 -6.06 -37.86
CA ASP A 86 -11.33 -5.29 -36.71
C ASP A 86 -10.98 -5.97 -35.38
N ASP A 87 -10.80 -7.28 -35.41
CA ASP A 87 -10.46 -8.03 -34.20
C ASP A 87 -8.99 -8.40 -34.16
N ALA A 88 -8.24 -7.92 -35.14
CA ALA A 88 -6.81 -8.24 -35.23
C ALA A 88 -5.88 -7.43 -34.35
N ASN A 89 -4.99 -8.13 -33.66
CA ASN A 89 -3.99 -7.50 -32.80
C ASN A 89 -2.68 -7.56 -33.58
N GLN A 90 -2.47 -6.59 -34.44
CA GLN A 90 -1.25 -6.56 -35.24
C GLN A 90 -0.01 -6.32 -34.39
N ARG A 91 1.08 -6.96 -34.79
CA ARG A 91 2.34 -6.78 -34.08
C ARG A 91 3.07 -5.58 -34.66
N ASN A 92 3.60 -4.73 -33.79
CA ASN A 92 4.33 -3.55 -34.23
C ASN A 92 5.66 -3.89 -34.91
N PRO A 93 6.08 -3.07 -35.90
CA PRO A 93 7.35 -3.33 -36.58
C PRO A 93 8.35 -3.47 -35.43
N ILE A 94 9.22 -4.47 -35.49
CA ILE A 94 10.16 -4.69 -34.39
C ILE A 94 11.08 -3.53 -34.03
N LYS A 95 11.11 -2.48 -34.86
CA LYS A 95 11.96 -1.34 -34.54
C LYS A 95 11.38 -0.66 -33.30
N PHE A 96 10.15 -1.02 -32.93
CA PHE A 96 9.48 -0.46 -31.77
C PHE A 96 9.74 -1.25 -30.50
N ASP A 97 10.26 -2.47 -30.66
CA ASP A 97 10.53 -3.32 -29.52
C ASP A 97 11.55 -2.70 -28.59
N GLY A 98 11.09 -2.28 -27.41
CA GLY A 98 11.96 -1.65 -26.44
C GLY A 98 11.75 -0.15 -26.39
N VAL A 99 10.81 0.37 -27.18
CA VAL A 99 10.56 1.81 -27.21
C VAL A 99 10.32 2.35 -25.78
N GLU A 100 10.87 3.51 -25.49
CA GLU A 100 10.76 4.11 -24.15
C GLU A 100 9.39 4.70 -23.76
N ASP A 101 8.61 5.11 -24.75
CA ASP A 101 7.27 5.67 -24.51
C ASP A 101 6.33 4.96 -25.48
N MET A 102 5.42 4.15 -24.95
CA MET A 102 4.51 3.38 -25.80
C MET A 102 3.43 4.15 -26.56
N SER A 103 3.32 5.45 -26.30
CA SER A 103 2.34 6.24 -27.03
C SER A 103 2.80 6.32 -28.48
N GLU A 104 4.03 5.85 -28.71
CA GLU A 104 4.64 5.86 -30.04
C GLU A 104 4.36 4.64 -30.88
N LEU A 105 3.90 3.55 -30.26
CA LEU A 105 3.60 2.33 -30.98
C LEU A 105 2.55 2.60 -32.06
N SER A 106 2.71 1.97 -33.22
CA SER A 106 1.74 2.17 -34.29
C SER A 106 0.46 1.43 -33.92
N TYR A 107 0.63 0.21 -33.43
CA TYR A 107 -0.51 -0.60 -33.03
C TYR A 107 -0.60 -0.65 -31.52
N LEU A 108 -1.68 -0.10 -30.98
CA LEU A 108 -1.89 -0.07 -29.54
C LEU A 108 -2.94 -1.11 -29.15
N ASN A 109 -2.47 -2.26 -28.67
CA ASN A 109 -3.34 -3.34 -28.22
C ASN A 109 -2.62 -4.07 -27.08
N GLU A 110 -3.35 -4.93 -26.37
CA GLU A 110 -2.79 -5.64 -25.22
C GLU A 110 -1.52 -6.46 -25.44
N PRO A 111 -1.50 -7.35 -26.45
CA PRO A 111 -0.25 -8.10 -26.62
C PRO A 111 0.93 -7.20 -27.04
N ALA A 112 0.64 -6.15 -27.79
CA ALA A 112 1.70 -5.24 -28.23
C ALA A 112 2.29 -4.50 -27.03
N VAL A 113 1.42 -3.96 -26.17
CA VAL A 113 1.89 -3.24 -24.99
C VAL A 113 2.64 -4.20 -24.06
N PHE A 114 2.08 -5.38 -23.83
CA PHE A 114 2.74 -6.36 -22.97
C PHE A 114 4.09 -6.77 -23.55
N HIS A 115 4.15 -6.97 -24.86
CA HIS A 115 5.39 -7.37 -25.51
C HIS A 115 6.50 -6.35 -25.29
N ASN A 116 6.18 -5.07 -25.45
CA ASN A 116 7.16 -4.02 -25.27
C ASN A 116 7.70 -3.99 -23.85
N LEU A 117 6.83 -4.19 -22.87
CA LEU A 117 7.27 -4.21 -21.48
C LEU A 117 8.13 -5.44 -21.25
N ARG A 118 7.77 -6.54 -21.90
CA ARG A 118 8.52 -7.78 -21.78
C ARG A 118 9.93 -7.62 -22.36
N VAL A 119 10.02 -7.01 -23.54
CA VAL A 119 11.32 -6.79 -24.17
C VAL A 119 12.22 -5.97 -23.26
N ARG A 120 11.68 -4.89 -22.71
CA ARG A 120 12.46 -4.05 -21.82
C ARG A 120 12.78 -4.79 -20.52
N TYR A 121 11.77 -5.45 -19.94
CA TYR A 121 11.95 -6.19 -18.70
C TYR A 121 13.05 -7.25 -18.83
N ASN A 122 13.07 -7.94 -19.96
CA ASN A 122 14.08 -8.97 -20.20
C ASN A 122 15.51 -8.42 -20.15
N GLN A 123 15.64 -7.11 -20.27
CA GLN A 123 16.94 -6.43 -20.22
C GLN A 123 17.06 -5.61 -18.94
N ASP A 124 16.22 -5.93 -17.96
CA ASP A 124 16.20 -5.24 -16.68
C ASP A 124 15.85 -3.75 -16.77
N LEU A 125 15.15 -3.38 -17.84
CA LEU A 125 14.68 -2.00 -17.99
C LEU A 125 13.27 -2.06 -17.41
N ILE A 126 13.17 -1.74 -16.12
CA ILE A 126 11.88 -1.80 -15.42
C ILE A 126 10.97 -0.60 -15.63
N TYR A 127 11.53 0.52 -16.05
CA TYR A 127 10.73 1.71 -16.28
C TYR A 127 10.38 1.91 -17.76
N THR A 128 9.14 2.30 -18.00
CA THR A 128 8.66 2.55 -19.36
C THR A 128 7.53 3.57 -19.30
N TYR A 129 7.53 4.51 -20.24
CA TYR A 129 6.46 5.52 -20.28
C TYR A 129 5.26 5.00 -21.05
N SER A 130 4.08 5.36 -20.59
CA SER A 130 2.83 4.99 -21.24
C SER A 130 2.16 6.33 -21.46
N GLY A 131 2.83 7.17 -22.24
CA GLY A 131 2.31 8.50 -22.50
C GLY A 131 2.72 9.42 -21.38
N LEU A 132 1.74 10.03 -20.73
CA LEU A 132 1.97 10.98 -19.65
C LEU A 132 2.40 10.38 -18.30
N PHE A 133 2.13 9.09 -18.09
CA PHE A 133 2.51 8.46 -16.82
C PHE A 133 3.58 7.38 -16.97
N LEU A 134 4.19 7.03 -15.84
CA LEU A 134 5.25 6.03 -15.80
C LEU A 134 4.76 4.66 -15.35
N VAL A 135 5.27 3.62 -16.00
CA VAL A 135 4.93 2.25 -15.64
C VAL A 135 6.21 1.66 -15.06
N ALA A 136 6.09 0.93 -13.96
CA ALA A 136 7.25 0.32 -13.31
C ALA A 136 6.98 -1.13 -12.94
N VAL A 137 7.70 -2.04 -13.60
CA VAL A 137 7.53 -3.47 -13.33
C VAL A 137 8.56 -3.93 -12.33
N ASN A 138 8.09 -4.45 -11.20
CA ASN A 138 8.97 -4.92 -10.12
C ASN A 138 9.95 -5.98 -10.62
N PRO A 139 11.27 -5.72 -10.46
CA PRO A 139 12.33 -6.64 -10.89
C PRO A 139 12.61 -7.75 -9.87
N PHE A 140 12.26 -7.52 -8.62
CA PHE A 140 12.52 -8.48 -7.54
C PHE A 140 14.00 -8.87 -7.54
N LYS A 141 14.85 -7.89 -7.78
CA LYS A 141 16.31 -8.06 -7.78
C LYS A 141 16.90 -6.64 -7.81
N ARG A 142 18.11 -6.48 -7.29
CA ARG A 142 18.72 -5.16 -7.28
C ARG A 142 19.29 -4.82 -8.66
N ILE A 143 19.07 -3.57 -9.07
CA ILE A 143 19.57 -3.07 -10.34
C ILE A 143 20.25 -1.74 -9.98
N PRO A 144 21.52 -1.57 -10.36
CA PRO A 144 22.30 -0.36 -10.07
C PRO A 144 21.92 0.91 -10.82
N ILE A 145 20.70 1.39 -10.59
CA ILE A 145 20.23 2.60 -11.26
C ILE A 145 19.78 3.67 -10.28
N TYR A 146 20.17 3.51 -9.03
CA TYR A 146 19.77 4.48 -8.00
C TYR A 146 20.94 5.13 -7.27
N THR A 147 22.10 5.14 -7.92
CA THR A 147 23.31 5.73 -7.35
C THR A 147 23.32 7.24 -7.49
N GLN A 148 24.16 7.90 -6.70
CA GLN A 148 24.26 9.36 -6.75
C GLN A 148 24.64 9.79 -8.18
N GLU A 149 25.42 8.96 -8.85
CA GLU A 149 25.83 9.25 -10.21
C GLU A 149 24.60 9.23 -11.11
N MET A 150 23.67 8.33 -10.82
CA MET A 150 22.44 8.23 -11.61
C MET A 150 21.56 9.45 -11.32
N VAL A 151 21.53 9.87 -10.06
CA VAL A 151 20.75 11.04 -9.65
C VAL A 151 21.24 12.29 -10.35
N ASP A 152 22.56 12.44 -10.44
CA ASP A 152 23.14 13.62 -11.07
C ASP A 152 22.84 13.68 -12.57
N ILE A 153 22.77 12.53 -13.22
CA ILE A 153 22.48 12.48 -14.65
C ILE A 153 21.08 13.03 -14.96
N PHE A 154 20.09 12.64 -14.15
CA PHE A 154 18.72 13.10 -14.39
C PHE A 154 18.45 14.53 -13.96
N LYS A 155 19.27 15.05 -13.06
CA LYS A 155 19.08 16.41 -12.57
C LYS A 155 18.84 17.46 -13.65
N GLY A 156 17.65 18.06 -13.62
CA GLY A 156 17.28 19.09 -14.57
C GLY A 156 17.11 18.68 -16.02
N ARG A 157 17.00 17.38 -16.29
CA ARG A 157 16.84 16.92 -17.67
C ARG A 157 15.39 16.66 -18.05
N ARG A 158 15.03 17.06 -19.27
CA ARG A 158 13.66 16.85 -19.77
C ARG A 158 13.36 15.37 -19.92
N ARG A 159 12.10 15.01 -19.73
CA ARG A 159 11.68 13.61 -19.82
C ARG A 159 12.15 12.94 -21.10
N ASN A 160 12.01 13.63 -22.22
CA ASN A 160 12.40 13.07 -23.52
C ASN A 160 13.91 13.15 -23.78
N GLU A 161 14.67 13.63 -22.81
CA GLU A 161 16.12 13.74 -22.97
C GLU A 161 16.86 12.62 -22.24
N VAL A 162 16.14 11.88 -21.40
CA VAL A 162 16.73 10.78 -20.64
C VAL A 162 15.78 9.59 -20.62
N ALA A 163 16.33 8.40 -20.34
CA ALA A 163 15.53 7.17 -20.29
C ALA A 163 14.46 7.21 -19.22
N PRO A 164 13.43 6.36 -19.35
CA PRO A 164 12.36 6.36 -18.34
C PRO A 164 12.99 5.99 -17.00
N HIS A 165 12.57 6.67 -15.94
CA HIS A 165 13.12 6.41 -14.61
C HIS A 165 12.24 7.11 -13.58
N ILE A 166 12.17 6.55 -12.38
CA ILE A 166 11.39 7.17 -11.32
C ILE A 166 11.98 8.55 -11.01
N PHE A 167 13.29 8.72 -11.22
CA PHE A 167 13.95 10.00 -10.97
C PHE A 167 13.48 11.09 -11.93
N ALA A 168 13.24 10.71 -13.18
CA ALA A 168 12.80 11.64 -14.20
C ALA A 168 11.44 12.24 -13.90
N ILE A 169 10.47 11.41 -13.54
CA ILE A 169 9.15 11.92 -13.24
C ILE A 169 9.21 12.76 -11.97
N SER A 170 10.18 12.46 -11.09
CA SER A 170 10.36 13.22 -9.86
C SER A 170 10.89 14.62 -10.20
N ASP A 171 11.82 14.67 -11.14
CA ASP A 171 12.43 15.94 -11.55
C ASP A 171 11.42 16.80 -12.30
N VAL A 172 10.56 16.16 -13.08
CA VAL A 172 9.54 16.90 -13.83
C VAL A 172 8.59 17.55 -12.82
N ALA A 173 8.19 16.80 -11.80
CA ALA A 173 7.29 17.32 -10.79
C ALA A 173 7.96 18.48 -10.05
N TYR A 174 9.26 18.37 -9.84
CA TYR A 174 10.03 19.40 -9.15
C TYR A 174 10.07 20.68 -9.98
N ARG A 175 10.38 20.55 -11.26
CA ARG A 175 10.44 21.71 -12.16
C ARG A 175 9.07 22.36 -12.28
N SER A 176 8.03 21.53 -12.36
CA SER A 176 6.67 22.06 -12.48
C SER A 176 6.27 22.83 -11.23
N MET A 177 6.77 22.39 -10.09
CA MET A 177 6.48 23.06 -8.82
C MET A 177 7.08 24.47 -8.85
N LEU A 178 8.29 24.58 -9.40
CA LEU A 178 8.98 25.86 -9.48
C LEU A 178 8.47 26.72 -10.64
N ASP A 179 8.31 26.10 -11.79
CA ASP A 179 7.83 26.80 -12.98
C ASP A 179 6.41 27.35 -12.81
N ASP A 180 5.56 26.59 -12.12
CA ASP A 180 4.17 27.00 -11.93
C ASP A 180 3.85 27.46 -10.51
N ARG A 181 4.82 27.34 -9.60
CA ARG A 181 4.58 27.74 -8.22
C ARG A 181 3.34 27.01 -7.72
N GLN A 182 3.27 25.72 -8.02
CA GLN A 182 2.11 24.90 -7.64
C GLN A 182 2.54 23.61 -6.94
N ASN A 183 1.84 23.25 -5.87
CA ASN A 183 2.17 22.03 -5.15
C ASN A 183 1.92 20.83 -6.05
N GLN A 184 2.80 19.83 -5.96
CA GLN A 184 2.71 18.63 -6.78
C GLN A 184 2.48 17.37 -5.94
N SER A 185 2.13 16.29 -6.61
CA SER A 185 1.91 15.02 -5.94
C SER A 185 2.26 13.83 -6.84
N LEU A 186 2.96 12.86 -6.26
CA LEU A 186 3.33 11.65 -6.98
C LEU A 186 2.46 10.53 -6.42
N LEU A 187 1.54 10.04 -7.26
CA LEU A 187 0.62 8.98 -6.87
C LEU A 187 1.10 7.65 -7.46
N ILE A 188 1.62 6.79 -6.58
CA ILE A 188 2.16 5.50 -7.00
C ILE A 188 1.20 4.35 -6.68
N THR A 189 0.55 3.85 -7.73
CA THR A 189 -0.42 2.78 -7.59
C THR A 189 0.21 1.39 -7.71
N GLY A 190 -0.54 0.36 -7.32
CA GLY A 190 -0.05 -1.00 -7.41
C GLY A 190 -0.67 -1.94 -6.38
N GLU A 191 -0.86 -3.21 -6.76
CA GLU A 191 -1.41 -4.18 -5.82
C GLU A 191 -0.28 -4.50 -4.85
N SER A 192 -0.58 -5.26 -3.81
CA SER A 192 0.44 -5.60 -2.81
C SER A 192 1.69 -6.24 -3.40
N GLY A 193 2.85 -5.66 -3.08
CA GLY A 193 4.13 -6.18 -3.54
C GLY A 193 4.61 -5.68 -4.91
N ALA A 194 3.83 -4.81 -5.54
CA ALA A 194 4.17 -4.29 -6.87
C ALA A 194 5.39 -3.33 -6.93
N GLY A 195 5.76 -2.72 -5.81
CA GLY A 195 6.90 -1.82 -5.82
C GLY A 195 6.65 -0.38 -5.38
N LYS A 196 5.46 -0.09 -4.86
CA LYS A 196 5.12 1.29 -4.44
C LYS A 196 6.08 1.88 -3.40
N THR A 197 6.32 1.15 -2.32
CA THR A 197 7.20 1.63 -1.26
C THR A 197 8.64 1.82 -1.74
N GLU A 198 9.14 0.91 -2.57
CA GLU A 198 10.50 1.04 -3.09
C GLU A 198 10.61 2.32 -3.91
N ASN A 199 9.66 2.53 -4.82
CA ASN A 199 9.69 3.72 -5.63
C ASN A 199 9.46 4.99 -4.84
N THR A 200 8.64 4.90 -3.79
CA THR A 200 8.39 6.05 -2.94
C THR A 200 9.74 6.51 -2.36
N LYS A 201 10.52 5.56 -1.86
CA LYS A 201 11.84 5.89 -1.30
C LYS A 201 12.72 6.59 -2.35
N LYS A 202 12.69 6.07 -3.58
CA LYS A 202 13.50 6.65 -4.66
C LYS A 202 13.13 8.11 -4.87
N VAL A 203 11.83 8.38 -4.91
CA VAL A 203 11.34 9.73 -5.10
C VAL A 203 11.93 10.66 -4.03
N ILE A 204 11.91 10.20 -2.78
CA ILE A 204 12.42 10.98 -1.66
C ILE A 204 13.95 11.13 -1.71
N GLN A 205 14.64 10.07 -2.12
CA GLN A 205 16.08 10.11 -2.23
C GLN A 205 16.47 11.18 -3.24
N TYR A 206 15.85 11.11 -4.42
CA TYR A 206 16.12 12.06 -5.49
C TYR A 206 15.81 13.51 -5.15
N LEU A 207 14.63 13.77 -4.58
CA LEU A 207 14.27 15.13 -4.22
C LEU A 207 15.19 15.66 -3.14
N ALA A 208 15.51 14.81 -2.16
CA ALA A 208 16.37 15.19 -1.07
C ALA A 208 17.74 15.62 -1.59
N SER A 209 18.13 15.05 -2.72
CA SER A 209 19.41 15.36 -3.32
C SER A 209 19.39 16.65 -4.14
N VAL A 210 18.62 16.66 -5.22
CA VAL A 210 18.55 17.83 -6.09
C VAL A 210 18.12 19.12 -5.39
N ALA A 211 17.27 19.02 -4.36
CA ALA A 211 16.81 20.21 -3.67
C ALA A 211 17.41 20.35 -2.28
N GLY A 212 18.34 19.48 -1.95
CA GLY A 212 18.99 19.54 -0.64
C GLY A 212 20.09 20.58 -0.61
N GLY A 220 21.98 19.68 5.43
CA GLY A 220 22.92 18.53 5.42
C GLY A 220 22.62 17.53 6.51
N VAL A 221 21.64 17.84 7.34
CA VAL A 221 21.24 16.96 8.45
C VAL A 221 19.76 16.64 8.36
N LEU A 222 18.99 17.61 7.88
CA LEU A 222 17.56 17.44 7.73
C LEU A 222 17.30 16.31 6.74
N GLU A 223 17.85 16.46 5.54
CA GLU A 223 17.70 15.49 4.48
C GLU A 223 18.06 14.08 4.93
N GLN A 224 19.07 13.97 5.79
CA GLN A 224 19.50 12.67 6.29
C GLN A 224 18.45 12.12 7.25
N GLN A 225 17.89 13.00 8.07
CA GLN A 225 16.87 12.60 9.02
C GLN A 225 15.61 12.20 8.26
N ILE A 226 15.32 12.93 7.19
CA ILE A 226 14.16 12.63 6.36
C ILE A 226 14.27 11.20 5.85
N LEU A 227 15.48 10.83 5.41
CA LEU A 227 15.72 9.50 4.90
C LEU A 227 15.68 8.43 5.99
N GLN A 228 16.17 8.76 7.17
CA GLN A 228 16.19 7.81 8.28
C GLN A 228 14.81 7.57 8.89
N ALA A 229 13.82 8.30 8.42
CA ALA A 229 12.46 8.15 8.93
C ALA A 229 11.83 6.82 8.48
N ASN A 230 12.12 6.39 7.26
CA ASN A 230 11.54 5.16 6.72
C ASN A 230 11.93 3.88 7.46
N PRO A 231 13.24 3.62 7.64
CA PRO A 231 13.58 2.39 8.35
C PRO A 231 12.89 2.26 9.71
N ILE A 232 12.56 3.39 10.33
CA ILE A 232 11.88 3.34 11.63
C ILE A 232 10.44 2.90 11.41
N LEU A 233 9.75 3.61 10.52
CA LEU A 233 8.35 3.31 10.20
C LEU A 233 8.16 1.89 9.71
N GLU A 234 9.08 1.42 8.87
CA GLU A 234 8.98 0.07 8.32
C GLU A 234 9.17 -1.02 9.35
N ALA A 235 10.02 -0.77 10.34
CA ALA A 235 10.26 -1.76 11.38
C ALA A 235 8.98 -1.96 12.22
N PHE A 236 8.25 -0.88 12.46
CA PHE A 236 7.02 -0.97 13.25
C PHE A 236 5.76 -1.06 12.38
N GLY A 237 5.88 -0.62 11.12
CA GLY A 237 4.72 -0.62 10.24
C GLY A 237 4.66 -1.67 9.16
N ASN A 238 5.78 -2.34 8.88
CA ASN A 238 5.79 -3.36 7.84
C ASN A 238 5.89 -4.76 8.42
N ALA A 239 5.45 -5.73 7.61
CA ALA A 239 5.47 -7.12 8.04
C ALA A 239 5.38 -8.03 6.82
N LYS A 240 5.71 -9.30 7.04
CA LYS A 240 5.65 -10.27 5.98
C LYS A 240 4.24 -10.82 5.83
N THR A 241 3.68 -10.68 4.63
CA THR A 241 2.37 -11.26 4.36
C THR A 241 2.67 -12.26 3.24
N THR A 242 1.64 -12.97 2.80
CA THR A 242 1.79 -13.96 1.73
C THR A 242 2.11 -13.33 0.39
N ARG A 243 1.95 -12.01 0.28
CA ARG A 243 2.19 -11.32 -0.99
C ARG A 243 3.44 -10.44 -1.01
N ASN A 244 3.95 -10.09 0.16
CA ASN A 244 5.12 -9.24 0.23
C ASN A 244 5.86 -9.46 1.53
N ASN A 245 7.18 -9.68 1.43
CA ASN A 245 8.03 -9.90 2.60
C ASN A 245 8.17 -8.63 3.43
N ASN A 246 7.89 -7.49 2.81
CA ASN A 246 7.98 -6.20 3.48
C ASN A 246 6.73 -5.37 3.16
N SER A 247 5.58 -5.96 3.43
CA SER A 247 4.32 -5.29 3.17
C SER A 247 4.07 -4.13 4.13
N SER A 248 3.68 -2.98 3.58
CA SER A 248 3.38 -1.82 4.39
C SER A 248 1.98 -2.10 4.91
N ARG A 249 1.82 -2.13 6.23
CA ARG A 249 0.52 -2.42 6.83
C ARG A 249 -0.19 -1.15 7.29
N PHE A 250 0.28 -0.02 6.77
CA PHE A 250 -0.29 1.31 7.01
C PHE A 250 0.07 2.11 5.76
N GLY A 251 -0.84 2.98 5.32
CA GLY A 251 -0.58 3.78 4.14
C GLY A 251 -0.04 5.10 4.63
N LYS A 252 0.57 5.88 3.73
CA LYS A 252 1.12 7.16 4.15
C LYS A 252 1.26 8.15 3.01
N PHE A 253 1.13 9.42 3.35
CA PHE A 253 1.28 10.50 2.40
C PHE A 253 2.45 11.31 2.93
N ILE A 254 3.52 11.41 2.15
CA ILE A 254 4.70 12.14 2.56
C ILE A 254 4.83 13.48 1.84
N GLU A 255 4.90 14.55 2.63
CA GLU A 255 5.03 15.88 2.09
C GLU A 255 6.48 16.35 2.17
N ILE A 256 7.10 16.59 1.02
CA ILE A 256 8.46 17.09 0.99
C ILE A 256 8.23 18.59 0.81
N GLN A 257 8.63 19.36 1.83
CA GLN A 257 8.44 20.80 1.83
C GLN A 257 9.64 21.60 1.33
N PHE A 258 9.37 22.61 0.51
CA PHE A 258 10.41 23.46 -0.03
C PHE A 258 10.12 24.94 0.24
N ASN A 259 11.14 25.78 0.15
CA ASN A 259 10.95 27.21 0.36
C ASN A 259 10.74 27.87 -1.00
N SER A 260 10.46 29.17 -0.99
CA SER A 260 10.23 29.91 -2.22
C SER A 260 11.39 29.78 -3.21
N ALA A 261 12.60 29.63 -2.67
CA ALA A 261 13.79 29.50 -3.50
C ALA A 261 13.83 28.14 -4.18
N GLY A 262 13.11 27.17 -3.61
CA GLY A 262 13.08 25.84 -4.17
C GLY A 262 13.92 24.85 -3.40
N PHE A 263 14.31 25.22 -2.18
CA PHE A 263 15.14 24.36 -1.33
C PHE A 263 14.28 23.61 -0.32
N ILE A 264 14.70 22.40 0.04
CA ILE A 264 13.96 21.60 1.00
C ILE A 264 13.97 22.27 2.37
N SER A 265 12.78 22.62 2.84
CA SER A 265 12.63 23.27 4.14
C SER A 265 12.10 22.31 5.19
N GLY A 266 11.68 21.12 4.75
CA GLY A 266 11.17 20.14 5.68
C GLY A 266 10.38 19.00 5.05
N ALA A 267 9.78 18.18 5.92
CA ALA A 267 8.98 17.05 5.48
C ALA A 267 7.95 16.70 6.55
N SER A 268 6.78 16.24 6.11
CA SER A 268 5.71 15.88 7.01
C SER A 268 5.15 14.51 6.60
N ILE A 269 4.97 13.64 7.58
CA ILE A 269 4.43 12.30 7.30
C ILE A 269 3.02 12.12 7.83
N GLN A 270 2.06 12.00 6.91
CA GLN A 270 0.68 11.77 7.29
C GLN A 270 0.50 10.25 7.23
N SER A 271 0.39 9.60 8.38
CA SER A 271 0.20 8.16 8.41
C SER A 271 -1.28 7.82 8.52
N TYR A 272 -1.68 6.72 7.91
CA TYR A 272 -3.06 6.32 7.96
C TYR A 272 -3.21 5.10 8.85
N LEU A 273 -4.46 4.74 9.13
CA LEU A 273 -4.76 3.61 10.00
C LEU A 273 -3.86 2.38 9.84
N LEU A 274 -3.35 1.89 10.97
CA LEU A 274 -2.46 0.74 10.98
C LEU A 274 -3.26 -0.53 11.25
N GLU A 275 -2.85 -1.62 10.61
CA GLU A 275 -3.51 -2.91 10.80
C GLU A 275 -3.02 -3.48 12.14
N LYS A 276 -3.46 -2.88 13.25
CA LYS A 276 -3.01 -3.32 14.55
C LYS A 276 -3.47 -4.73 14.94
N SER A 277 -4.44 -5.28 14.22
CA SER A 277 -4.89 -6.63 14.53
C SER A 277 -3.75 -7.65 14.30
N ARG A 278 -2.79 -7.30 13.45
CA ARG A 278 -1.66 -8.20 13.16
C ARG A 278 -0.77 -8.47 14.37
N VAL A 279 -0.79 -7.58 15.35
CA VAL A 279 0.04 -7.76 16.54
C VAL A 279 -0.36 -9.01 17.32
N VAL A 280 -1.66 -9.31 17.30
CA VAL A 280 -2.17 -10.45 18.04
C VAL A 280 -2.54 -11.68 17.20
N PHE A 281 -2.42 -11.58 15.87
CA PHE A 281 -2.75 -12.70 15.01
C PHE A 281 -2.10 -12.59 13.63
N GLN A 282 -1.58 -13.71 13.14
CA GLN A 282 -0.98 -13.74 11.81
C GLN A 282 -1.33 -15.06 11.17
N SER A 283 -1.78 -15.01 9.92
CA SER A 283 -2.11 -16.22 9.19
C SER A 283 -0.84 -17.04 8.98
N GLU A 284 -1.00 -18.30 8.57
CA GLU A 284 0.14 -19.18 8.35
C GLU A 284 1.14 -18.61 7.35
N THR A 285 2.42 -18.75 7.68
CA THR A 285 3.56 -18.29 6.89
C THR A 285 3.85 -16.79 6.94
N GLU A 286 2.98 -16.02 7.56
CA GLU A 286 3.26 -14.59 7.69
C GLU A 286 4.00 -14.31 9.00
N ARG A 287 4.38 -13.05 9.19
CA ARG A 287 5.05 -12.65 10.42
C ARG A 287 4.33 -11.45 11.03
N ASN A 288 4.64 -11.16 12.29
CA ASN A 288 4.10 -10.02 12.99
C ASN A 288 4.96 -8.88 12.45
N TYR A 289 4.89 -7.71 13.07
CA TYR A 289 5.71 -6.60 12.58
C TYR A 289 7.19 -6.92 12.75
N HIS A 290 8.01 -6.41 11.83
CA HIS A 290 9.46 -6.69 11.87
C HIS A 290 10.09 -6.45 13.23
N ILE A 291 9.82 -5.27 13.81
CA ILE A 291 10.40 -4.89 15.10
C ILE A 291 10.46 -6.03 16.13
N PHE A 292 9.39 -6.79 16.27
CA PHE A 292 9.39 -7.88 17.23
C PHE A 292 10.56 -8.84 17.02
N TYR A 293 10.81 -9.20 15.76
CA TYR A 293 11.90 -10.12 15.46
C TYR A 293 13.26 -9.43 15.55
N GLN A 294 13.30 -8.14 15.23
CA GLN A 294 14.55 -7.40 15.30
C GLN A 294 15.01 -7.27 16.76
N LEU A 295 14.07 -7.00 17.67
CA LEU A 295 14.42 -6.87 19.07
C LEU A 295 14.94 -8.17 19.66
N LEU A 296 14.19 -9.25 19.48
CA LEU A 296 14.57 -10.55 20.00
C LEU A 296 15.90 -11.06 19.44
N ALA A 297 16.18 -10.73 18.19
CA ALA A 297 17.40 -11.18 17.54
C ALA A 297 18.59 -10.23 17.65
N GLY A 298 18.32 -8.96 17.92
CA GLY A 298 19.42 -8.00 18.01
C GLY A 298 19.69 -7.42 19.38
N ALA A 299 18.88 -7.80 20.38
CA ALA A 299 19.05 -7.29 21.73
C ALA A 299 20.29 -7.88 22.42
N THR A 300 20.97 -7.05 23.21
CA THR A 300 22.15 -7.48 23.95
C THR A 300 21.72 -8.51 24.99
N ALA A 301 22.68 -9.29 25.47
CA ALA A 301 22.40 -10.32 26.47
C ALA A 301 21.80 -9.70 27.74
N GLU A 302 22.16 -8.46 28.01
CA GLU A 302 21.66 -7.74 29.16
C GLU A 302 20.23 -7.28 28.94
N GLU A 303 19.97 -6.72 27.76
CA GLU A 303 18.62 -6.25 27.43
C GLU A 303 17.65 -7.42 27.54
N LYS A 304 18.09 -8.59 27.10
CA LYS A 304 17.27 -9.79 27.14
C LYS A 304 16.89 -10.17 28.57
N LYS A 305 17.78 -9.91 29.52
CA LYS A 305 17.51 -10.25 30.91
C LYS A 305 16.60 -9.22 31.56
N ALA A 306 16.84 -7.96 31.26
CA ALA A 306 16.05 -6.85 31.79
C ALA A 306 14.61 -6.92 31.28
N LEU A 307 14.45 -7.28 30.01
CA LEU A 307 13.12 -7.36 29.40
C LEU A 307 12.51 -8.76 29.47
N HIS A 308 13.25 -9.70 30.07
CA HIS A 308 12.78 -11.08 30.20
C HIS A 308 12.51 -11.72 28.84
N LEU A 309 13.28 -11.29 27.84
CA LEU A 309 13.13 -11.81 26.49
C LEU A 309 13.59 -13.26 26.41
N ALA A 310 13.29 -13.88 25.27
CA ALA A 310 13.64 -15.25 24.99
C ALA A 310 13.38 -15.38 23.49
N GLY A 311 13.50 -16.59 22.96
CA GLY A 311 13.25 -16.77 21.54
C GLY A 311 11.85 -16.54 21.02
N PRO A 312 11.70 -16.10 19.76
CA PRO A 312 10.38 -15.85 19.20
C PRO A 312 9.43 -17.04 19.39
N GLU A 313 10.00 -18.26 19.36
CA GLU A 313 9.16 -19.44 19.52
C GLU A 313 8.55 -19.52 20.92
N SER A 314 9.00 -18.67 21.82
CA SER A 314 8.47 -18.65 23.19
C SER A 314 7.22 -17.79 23.35
N PHE A 315 6.94 -16.96 22.35
CA PHE A 315 5.79 -16.05 22.45
C PHE A 315 4.59 -16.36 21.55
N ASN A 316 3.42 -16.43 22.18
CA ASN A 316 2.17 -16.72 21.49
C ASN A 316 1.94 -15.84 20.27
N TYR A 317 2.37 -14.59 20.36
CA TYR A 317 2.21 -13.63 19.27
C TYR A 317 3.21 -13.81 18.13
N LEU A 318 4.12 -14.77 18.27
CA LEU A 318 5.15 -15.01 17.26
C LEU A 318 5.37 -16.45 16.84
N ASN A 319 4.69 -17.38 17.50
CA ASN A 319 4.90 -18.79 17.20
C ASN A 319 3.67 -19.51 16.70
N GLN A 320 2.78 -18.79 16.04
CA GLN A 320 1.57 -19.41 15.54
C GLN A 320 1.56 -19.52 14.02
N SER A 321 2.28 -18.62 13.35
CA SER A 321 2.31 -18.63 11.88
C SER A 321 3.22 -19.70 11.30
N GLY A 322 4.19 -20.15 12.10
CA GLY A 322 5.12 -21.15 11.64
C GLY A 322 6.28 -20.51 10.92
N CYS A 323 6.32 -19.18 10.93
CA CYS A 323 7.39 -18.44 10.27
C CYS A 323 7.94 -17.36 11.19
N VAL A 324 9.25 -17.35 11.38
CA VAL A 324 9.87 -16.34 12.23
C VAL A 324 11.02 -15.64 11.51
N ASP A 325 11.33 -16.09 10.31
CA ASP A 325 12.40 -15.44 9.56
C ASP A 325 12.08 -15.24 8.08
N ILE A 326 12.74 -14.27 7.48
CA ILE A 326 12.54 -13.95 6.07
C ILE A 326 13.85 -14.18 5.32
N LYS A 327 13.80 -15.02 4.30
CA LYS A 327 14.98 -15.34 3.50
C LYS A 327 15.69 -14.08 3.02
N GLY A 328 17.01 -14.06 3.18
CA GLY A 328 17.79 -12.91 2.74
C GLY A 328 17.73 -11.72 3.69
N VAL A 329 17.02 -11.88 4.80
CA VAL A 329 16.92 -10.80 5.77
C VAL A 329 17.50 -11.19 7.12
N SER A 330 18.28 -10.30 7.70
CA SER A 330 18.87 -10.53 9.02
C SER A 330 18.17 -9.58 10.00
N ASP A 331 17.36 -10.13 10.88
CA ASP A 331 16.64 -9.31 11.84
C ASP A 331 17.58 -8.65 12.84
N SER A 332 18.69 -9.30 13.16
CA SER A 332 19.66 -8.73 14.08
C SER A 332 20.29 -7.52 13.41
N GLU A 333 20.65 -7.68 12.14
CA GLU A 333 21.26 -6.59 11.39
C GLU A 333 20.27 -5.45 11.15
N GLU A 334 19.01 -5.80 10.93
CA GLU A 334 17.99 -4.78 10.70
C GLU A 334 17.76 -3.99 11.99
N PHE A 335 17.83 -4.67 13.11
CA PHE A 335 17.63 -4.03 14.41
C PHE A 335 18.63 -2.88 14.56
N LYS A 336 19.88 -3.16 14.20
CA LYS A 336 20.95 -2.18 14.29
C LYS A 336 20.64 -0.96 13.44
N ILE A 337 20.10 -1.21 12.25
CA ILE A 337 19.75 -0.13 11.34
C ILE A 337 18.60 0.70 11.91
N THR A 338 17.68 0.04 12.60
CA THR A 338 16.54 0.73 13.20
C THR A 338 17.07 1.63 14.31
N ARG A 339 17.91 1.06 15.17
CA ARG A 339 18.50 1.80 16.28
C ARG A 339 19.25 3.02 15.75
N GLN A 340 20.06 2.81 14.72
CA GLN A 340 20.82 3.90 14.12
C GLN A 340 19.85 4.95 13.57
N ALA A 341 18.76 4.50 12.98
CA ALA A 341 17.77 5.42 12.43
C ALA A 341 17.18 6.24 13.58
N MET A 342 16.81 5.55 14.66
CA MET A 342 16.26 6.21 15.83
C MET A 342 17.24 7.24 16.41
N ASP A 343 18.53 6.95 16.34
CA ASP A 343 19.54 7.88 16.85
C ASP A 343 19.61 9.14 16.01
N ILE A 344 19.77 8.98 14.71
CA ILE A 344 19.87 10.11 13.79
C ILE A 344 18.63 11.00 13.84
N VAL A 345 17.46 10.40 14.07
CA VAL A 345 16.24 11.18 14.14
C VAL A 345 16.21 11.93 15.46
N GLY A 346 16.81 11.33 16.49
CA GLY A 346 16.87 11.99 17.78
C GLY A 346 16.09 11.38 18.92
N PHE A 347 16.03 10.05 18.98
CA PHE A 347 15.32 9.41 20.07
C PHE A 347 16.25 9.13 21.24
N SER A 348 15.96 9.76 22.38
CA SER A 348 16.76 9.59 23.58
C SER A 348 17.01 8.11 23.84
N GLN A 349 18.12 7.81 24.52
CA GLN A 349 18.45 6.44 24.85
C GLN A 349 17.38 5.92 25.81
N GLU A 350 16.73 6.87 26.49
CA GLU A 350 15.68 6.54 27.44
C GLU A 350 14.41 6.19 26.66
N GLU A 351 14.08 7.05 25.71
CA GLU A 351 12.91 6.85 24.87
C GLU A 351 13.04 5.50 24.16
N GLN A 352 14.19 5.30 23.51
CA GLN A 352 14.45 4.05 22.81
C GLN A 352 14.24 2.83 23.69
N MET A 353 14.70 2.91 24.93
CA MET A 353 14.54 1.78 25.86
C MET A 353 13.09 1.58 26.24
N SER A 354 12.36 2.68 26.44
CA SER A 354 10.93 2.56 26.79
C SER A 354 10.20 1.90 25.63
N ILE A 355 10.58 2.28 24.42
CA ILE A 355 9.98 1.73 23.21
C ILE A 355 10.09 0.20 23.19
N PHE A 356 11.27 -0.30 23.53
CA PHE A 356 11.51 -1.73 23.54
C PHE A 356 10.83 -2.43 24.71
N LYS A 357 10.57 -1.68 25.78
CA LYS A 357 9.87 -2.23 26.94
C LYS A 357 8.43 -2.46 26.52
N ILE A 358 7.89 -1.53 25.76
CA ILE A 358 6.52 -1.64 25.27
C ILE A 358 6.44 -2.86 24.36
N ILE A 359 7.40 -2.98 23.44
CA ILE A 359 7.44 -4.12 22.52
C ILE A 359 7.54 -5.42 23.34
N ALA A 360 8.44 -5.44 24.30
CA ALA A 360 8.61 -6.63 25.14
C ALA A 360 7.35 -6.86 25.99
N GLY A 361 6.79 -5.79 26.53
CA GLY A 361 5.59 -5.92 27.34
C GLY A 361 4.45 -6.56 26.57
N ILE A 362 4.30 -6.15 25.30
CA ILE A 362 3.27 -6.67 24.43
C ILE A 362 3.44 -8.19 24.30
N LEU A 363 4.68 -8.61 24.09
CA LEU A 363 4.97 -10.03 23.95
C LEU A 363 4.59 -10.80 25.21
N HIS A 364 4.90 -10.23 26.38
CA HIS A 364 4.54 -10.88 27.63
C HIS A 364 3.02 -10.96 27.78
N LEU A 365 2.33 -9.87 27.46
CA LEU A 365 0.87 -9.84 27.55
C LEU A 365 0.28 -10.98 26.72
N GLY A 366 0.87 -11.22 25.55
CA GLY A 366 0.40 -12.28 24.69
C GLY A 366 0.56 -13.66 25.29
N ASN A 367 1.47 -13.80 26.25
CA ASN A 367 1.71 -15.09 26.88
C ASN A 367 0.80 -15.37 28.08
N ILE A 368 0.00 -14.38 28.47
CA ILE A 368 -0.91 -14.56 29.59
C ILE A 368 -1.99 -15.58 29.20
N LYS A 369 -2.09 -16.66 29.96
CA LYS A 369 -3.07 -17.69 29.66
C LYS A 369 -4.20 -17.69 30.69
N PHE A 370 -5.39 -17.28 30.24
CA PHE A 370 -6.54 -17.25 31.11
C PHE A 370 -7.16 -18.64 31.19
N GLU A 371 -7.61 -19.01 32.39
CA GLU A 371 -8.21 -20.32 32.60
C GLU A 371 -9.57 -20.11 33.26
N LYS A 372 -10.45 -21.10 33.14
CA LYS A 372 -11.77 -21.01 33.75
C LYS A 372 -11.66 -21.32 35.24
N GLY A 373 -12.42 -20.59 36.05
CA GLY A 373 -12.39 -20.82 37.49
C GLY A 373 -13.46 -21.79 37.92
N ALA A 374 -13.87 -21.73 39.18
CA ALA A 374 -14.91 -22.61 39.68
C ALA A 374 -16.20 -22.30 38.91
N GLY A 375 -16.40 -21.03 38.61
CA GLY A 375 -17.58 -20.62 37.88
C GLY A 375 -17.24 -20.27 36.43
N GLU A 376 -18.07 -19.45 35.80
CA GLU A 376 -17.87 -19.05 34.42
C GLU A 376 -16.74 -18.02 34.25
N GLY A 377 -16.53 -17.21 35.27
CA GLY A 377 -15.50 -16.19 35.21
C GLY A 377 -14.11 -16.81 35.07
N ALA A 378 -13.21 -16.09 34.41
CA ALA A 378 -11.85 -16.57 34.21
C ALA A 378 -10.94 -16.28 35.41
N VAL A 379 -9.88 -17.07 35.52
CA VAL A 379 -8.90 -16.92 36.58
C VAL A 379 -7.52 -16.95 35.94
N LEU A 380 -6.50 -16.57 36.70
CA LEU A 380 -5.13 -16.55 36.20
C LEU A 380 -4.22 -17.31 37.15
N LYS A 381 -4.10 -18.62 36.94
CA LYS A 381 -3.28 -19.48 37.78
C LYS A 381 -1.80 -19.11 37.76
N ASP A 382 -1.17 -19.20 36.60
CA ASP A 382 0.24 -18.82 36.51
C ASP A 382 0.28 -17.33 36.20
N LYS A 383 1.06 -16.58 36.95
CA LYS A 383 1.13 -15.13 36.74
C LYS A 383 2.52 -14.67 36.28
N THR A 384 3.31 -15.60 35.77
CA THR A 384 4.66 -15.30 35.29
C THR A 384 4.66 -14.20 34.22
N ALA A 385 3.90 -14.41 33.15
CA ALA A 385 3.84 -13.42 32.06
C ALA A 385 3.23 -12.11 32.53
N LEU A 386 2.14 -12.21 33.30
CA LEU A 386 1.47 -11.02 33.82
C LEU A 386 2.50 -10.18 34.58
N ASN A 387 3.25 -10.83 35.48
CA ASN A 387 4.25 -10.14 36.27
C ASN A 387 5.35 -9.55 35.39
N ALA A 388 5.78 -10.29 34.37
CA ALA A 388 6.82 -9.81 33.47
C ALA A 388 6.37 -8.53 32.75
N ALA A 389 5.16 -8.56 32.20
CA ALA A 389 4.61 -7.41 31.49
C ALA A 389 4.50 -6.22 32.44
N SER A 390 3.92 -6.46 33.62
CA SER A 390 3.74 -5.38 34.59
C SER A 390 5.10 -4.76 34.90
N THR A 391 6.13 -5.60 34.99
CA THR A 391 7.48 -5.15 35.27
C THR A 391 8.02 -4.16 34.24
N VAL A 392 8.07 -4.57 32.97
CA VAL A 392 8.60 -3.67 31.94
C VAL A 392 7.69 -2.48 31.64
N PHE A 393 6.37 -2.68 31.80
CA PHE A 393 5.43 -1.58 31.57
C PHE A 393 5.42 -0.56 32.71
N GLY A 394 5.76 -1.01 33.92
CA GLY A 394 5.76 -0.10 35.05
C GLY A 394 4.35 0.14 35.57
N VAL A 395 3.59 -0.95 35.72
CA VAL A 395 2.21 -0.87 36.22
C VAL A 395 2.01 -1.95 37.28
N ASN A 396 1.00 -1.77 38.11
CA ASN A 396 0.72 -2.73 39.16
C ASN A 396 0.04 -4.00 38.62
N PRO A 397 0.71 -5.16 38.79
CA PRO A 397 0.19 -6.45 38.32
C PRO A 397 -1.18 -6.85 38.89
N SER A 398 -1.43 -6.53 40.16
CA SER A 398 -2.70 -6.86 40.78
C SER A 398 -3.79 -6.03 40.10
N VAL A 399 -3.49 -4.76 39.87
CA VAL A 399 -4.40 -3.84 39.22
C VAL A 399 -4.69 -4.31 37.79
N LEU A 400 -3.64 -4.58 37.03
CA LEU A 400 -3.76 -5.05 35.65
C LEU A 400 -4.58 -6.33 35.60
N GLU A 401 -4.29 -7.24 36.52
CA GLU A 401 -5.01 -8.50 36.58
C GLU A 401 -6.52 -8.26 36.76
N LYS A 402 -6.87 -7.33 37.64
CA LYS A 402 -8.27 -7.01 37.89
C LYS A 402 -8.91 -6.32 36.69
N ALA A 403 -8.15 -5.42 36.07
CA ALA A 403 -8.64 -4.69 34.92
C ALA A 403 -8.86 -5.61 33.70
N LEU A 404 -8.18 -6.75 33.69
CA LEU A 404 -8.30 -7.69 32.58
C LEU A 404 -9.47 -8.67 32.74
N MET A 405 -9.61 -9.23 33.93
CA MET A 405 -10.68 -10.19 34.16
C MET A 405 -11.90 -9.64 34.87
N GLU A 406 -11.72 -8.53 35.59
CA GLU A 406 -12.82 -7.92 36.30
C GLU A 406 -12.92 -6.43 36.06
N PRO A 407 -13.05 -6.02 34.79
CA PRO A 407 -13.15 -4.59 34.51
C PRO A 407 -14.45 -4.05 35.10
N ARG A 408 -14.46 -2.78 35.49
CA ARG A 408 -15.65 -2.18 36.06
C ARG A 408 -16.35 -1.33 35.02
N ILE A 409 -17.67 -1.44 34.96
CA ILE A 409 -18.47 -0.66 34.02
C ILE A 409 -19.66 -0.05 34.76
N LEU A 410 -20.38 0.84 34.08
CA LEU A 410 -21.56 1.45 34.66
C LEU A 410 -22.77 0.65 34.20
N ALA A 411 -23.65 0.35 35.14
CA ALA A 411 -24.89 -0.35 34.83
C ALA A 411 -25.92 0.70 35.22
N GLY A 412 -26.12 1.66 34.32
CA GLY A 412 -27.02 2.76 34.58
C GLY A 412 -26.07 3.80 35.14
N ARG A 413 -26.07 3.94 36.47
CA ARG A 413 -25.18 4.88 37.14
C ARG A 413 -24.43 4.10 38.22
N ASP A 414 -24.86 2.87 38.43
CA ASP A 414 -24.25 1.99 39.40
C ASP A 414 -22.92 1.50 38.84
N LEU A 415 -21.96 1.26 39.73
CA LEU A 415 -20.64 0.78 39.34
C LEU A 415 -20.60 -0.73 39.55
N VAL A 416 -20.50 -1.48 38.46
CA VAL A 416 -20.48 -2.93 38.54
C VAL A 416 -19.21 -3.60 38.02
N ALA A 417 -18.58 -4.40 38.86
CA ALA A 417 -17.38 -5.10 38.46
C ALA A 417 -17.77 -6.36 37.69
N GLN A 418 -17.30 -6.47 36.46
CA GLN A 418 -17.60 -7.62 35.61
C GLN A 418 -16.66 -8.76 35.96
N HIS A 419 -16.98 -9.95 35.47
CA HIS A 419 -16.11 -11.10 35.66
C HIS A 419 -16.13 -11.82 34.33
N LEU A 420 -15.23 -11.41 33.43
CA LEU A 420 -15.15 -11.98 32.10
C LEU A 420 -14.68 -13.42 32.07
N ASN A 421 -15.24 -14.20 31.14
CA ASN A 421 -14.85 -15.58 30.99
C ASN A 421 -13.49 -15.59 30.28
N VAL A 422 -13.02 -16.79 29.92
CA VAL A 422 -11.74 -16.93 29.25
C VAL A 422 -11.70 -16.18 27.92
N GLU A 423 -12.69 -16.43 27.07
CA GLU A 423 -12.75 -15.80 25.76
C GLU A 423 -12.70 -14.27 25.84
N LYS A 424 -13.59 -13.68 26.64
CA LYS A 424 -13.63 -12.22 26.78
C LYS A 424 -12.39 -11.66 27.44
N SER A 425 -11.79 -12.38 28.38
CA SER A 425 -10.59 -11.89 29.04
C SER A 425 -9.49 -11.81 27.97
N SER A 426 -9.40 -12.87 27.17
CA SER A 426 -8.40 -12.94 26.12
C SER A 426 -8.56 -11.80 25.13
N SER A 427 -9.80 -11.54 24.71
CA SER A 427 -10.08 -10.46 23.77
C SER A 427 -9.69 -9.11 24.36
N SER A 428 -10.03 -8.88 25.62
CA SER A 428 -9.69 -7.61 26.27
C SER A 428 -8.17 -7.45 26.29
N ARG A 429 -7.48 -8.54 26.60
CA ARG A 429 -6.02 -8.51 26.63
C ARG A 429 -5.50 -8.08 25.25
N ASP A 430 -6.09 -8.61 24.19
CA ASP A 430 -5.66 -8.26 22.84
C ASP A 430 -5.96 -6.80 22.52
N ALA A 431 -7.08 -6.30 23.03
CA ALA A 431 -7.47 -4.92 22.82
C ALA A 431 -6.40 -3.99 23.40
N LEU A 432 -5.97 -4.29 24.63
CA LEU A 432 -4.93 -3.50 25.29
C LEU A 432 -3.67 -3.51 24.44
N VAL A 433 -3.28 -4.69 23.99
CA VAL A 433 -2.09 -4.84 23.15
C VAL A 433 -2.19 -3.98 21.88
N LYS A 434 -3.30 -4.11 21.16
CA LYS A 434 -3.48 -3.36 19.92
C LYS A 434 -3.47 -1.85 20.15
N ALA A 435 -4.07 -1.41 21.25
CA ALA A 435 -4.11 0.01 21.58
C ALA A 435 -2.69 0.50 21.88
N LEU A 436 -1.94 -0.30 22.64
CA LEU A 436 -0.57 0.03 22.99
C LEU A 436 0.30 0.19 21.75
N TYR A 437 0.18 -0.76 20.83
CA TYR A 437 0.98 -0.71 19.61
C TYR A 437 0.53 0.42 18.69
N GLY A 438 -0.77 0.50 18.45
CA GLY A 438 -1.29 1.55 17.58
C GLY A 438 -0.90 2.93 18.09
N ARG A 439 -0.98 3.12 19.41
CA ARG A 439 -0.62 4.42 19.98
C ARG A 439 0.87 4.68 19.91
N LEU A 440 1.66 3.63 20.10
CA LEU A 440 3.12 3.74 20.01
C LEU A 440 3.45 4.20 18.60
N PHE A 441 2.82 3.58 17.61
CA PHE A 441 3.08 3.95 16.21
C PHE A 441 2.77 5.42 15.99
N LEU A 442 1.61 5.86 16.46
CA LEU A 442 1.25 7.27 16.32
C LEU A 442 2.32 8.12 16.99
N TRP A 443 2.74 7.70 18.18
CA TRP A 443 3.75 8.43 18.91
C TRP A 443 5.03 8.55 18.06
N LEU A 444 5.50 7.43 17.53
CA LEU A 444 6.71 7.42 16.70
C LEU A 444 6.62 8.37 15.52
N VAL A 445 5.49 8.35 14.82
CA VAL A 445 5.29 9.24 13.69
C VAL A 445 5.27 10.70 14.16
N LYS A 446 4.64 10.93 15.31
CA LYS A 446 4.54 12.27 15.88
C LYS A 446 5.93 12.83 16.16
N LYS A 447 6.74 12.03 16.86
CA LYS A 447 8.11 12.43 17.19
C LYS A 447 8.87 12.80 15.93
N ILE A 448 8.81 11.93 14.93
CA ILE A 448 9.50 12.17 13.67
C ILE A 448 9.07 13.47 13.02
N ASN A 449 7.77 13.74 13.00
CA ASN A 449 7.29 14.97 12.39
C ASN A 449 7.80 16.22 13.11
N ASN A 450 8.06 16.12 14.40
CA ASN A 450 8.58 17.24 15.17
C ASN A 450 9.95 17.64 14.64
N VAL A 451 10.77 16.63 14.37
CA VAL A 451 12.11 16.84 13.84
C VAL A 451 12.13 17.36 12.41
N LEU A 452 11.24 16.84 11.57
CA LEU A 452 11.19 17.24 10.16
C LEU A 452 10.41 18.53 9.92
N CYS A 453 9.51 18.87 10.84
CA CYS A 453 8.71 20.07 10.71
C CYS A 453 9.25 21.17 11.62
N GLN A 454 10.00 22.10 11.03
CA GLN A 454 10.57 23.21 11.79
C GLN A 454 10.67 24.50 10.99
N GLU A 455 9.93 24.57 9.90
CA GLU A 455 9.91 25.75 9.03
C GLU A 455 8.63 25.75 8.20
N ARG A 456 7.94 26.89 8.17
CA ARG A 456 6.71 27.02 7.39
C ARG A 456 7.12 26.91 5.92
N LYS A 457 6.50 25.98 5.19
CA LYS A 457 6.84 25.80 3.78
C LYS A 457 6.12 26.70 2.80
N ALA A 458 6.68 26.81 1.60
CA ALA A 458 6.10 27.63 0.54
C ALA A 458 5.44 26.71 -0.47
N TYR A 459 6.00 25.52 -0.63
CA TYR A 459 5.49 24.52 -1.57
C TYR A 459 5.80 23.13 -1.05
N PHE A 460 5.27 22.13 -1.74
CA PHE A 460 5.55 20.75 -1.38
C PHE A 460 5.19 19.80 -2.50
N ILE A 461 5.82 18.63 -2.47
CA ILE A 461 5.55 17.59 -3.43
C ILE A 461 5.13 16.43 -2.53
N GLY A 462 3.90 15.98 -2.70
CA GLY A 462 3.40 14.88 -1.89
C GLY A 462 3.54 13.55 -2.57
N VAL A 463 4.04 12.56 -1.84
CA VAL A 463 4.21 11.23 -2.39
C VAL A 463 3.28 10.28 -1.64
N LEU A 464 2.34 9.68 -2.36
CA LEU A 464 1.38 8.76 -1.75
C LEU A 464 1.83 7.31 -1.83
N ASP A 465 1.92 6.66 -0.68
CA ASP A 465 2.31 5.25 -0.61
C ASP A 465 1.33 4.49 0.27
N ILE A 466 0.21 4.10 -0.32
CA ILE A 466 -0.83 3.36 0.41
C ILE A 466 -0.55 1.86 0.42
N SER A 467 -1.30 1.13 1.25
CA SER A 467 -1.17 -0.32 1.29
C SER A 467 -1.89 -0.76 0.01
N GLY A 468 -1.24 -1.58 -0.81
CA GLY A 468 -1.81 -2.01 -2.07
C GLY A 468 -2.96 -2.99 -2.06
N PHE A 469 -3.65 -3.08 -3.19
CA PHE A 469 -4.79 -3.98 -3.30
C PHE A 469 -4.33 -5.38 -2.90
N GLU A 470 -5.09 -6.06 -2.06
CA GLU A 470 -4.70 -7.40 -1.63
C GLU A 470 -5.87 -8.35 -1.44
N ILE A 471 -5.60 -9.63 -1.70
CA ILE A 471 -6.60 -10.67 -1.54
C ILE A 471 -5.95 -11.85 -0.82
N PHE A 472 -6.59 -12.32 0.23
CA PHE A 472 -6.08 -13.47 0.99
C PHE A 472 -7.21 -14.49 1.00
N LYS A 473 -6.95 -15.66 1.58
CA LYS A 473 -7.99 -16.68 1.67
C LYS A 473 -9.08 -16.11 2.55
N VAL A 474 -8.68 -15.40 3.60
CA VAL A 474 -9.65 -14.79 4.52
C VAL A 474 -9.45 -13.27 4.50
N ASN A 475 -10.46 -12.56 4.01
CA ASN A 475 -10.42 -11.11 3.94
C ASN A 475 -11.37 -10.52 4.96
N SER A 476 -10.89 -9.54 5.72
CA SER A 476 -11.71 -8.93 6.75
C SER A 476 -11.95 -7.44 6.53
N PHE A 477 -12.35 -6.77 7.60
CA PHE A 477 -12.63 -5.35 7.57
C PHE A 477 -11.44 -4.56 7.03
N GLU A 478 -10.25 -4.90 7.51
CA GLU A 478 -9.02 -4.25 7.08
C GLU A 478 -8.84 -4.32 5.57
N GLN A 479 -9.08 -5.49 4.99
CA GLN A 479 -8.92 -5.66 3.56
C GLN A 479 -9.92 -4.82 2.76
N LEU A 480 -11.12 -4.66 3.28
CA LEU A 480 -12.14 -3.86 2.59
C LEU A 480 -11.68 -2.42 2.51
N CYS A 481 -11.22 -1.88 3.65
CA CYS A 481 -10.76 -0.50 3.70
C CYS A 481 -9.55 -0.31 2.81
N ILE A 482 -8.65 -1.30 2.81
CA ILE A 482 -7.46 -1.22 1.99
C ILE A 482 -7.84 -1.21 0.52
N ASN A 483 -8.68 -2.15 0.12
CA ASN A 483 -9.09 -2.25 -1.28
C ASN A 483 -9.95 -1.09 -1.75
N TYR A 484 -10.69 -0.49 -0.83
CA TYR A 484 -11.54 0.65 -1.17
C TYR A 484 -10.59 1.83 -1.44
N THR A 485 -9.54 1.95 -0.64
CA THR A 485 -8.55 3.01 -0.84
C THR A 485 -7.98 2.85 -2.26
N ASN A 486 -7.57 1.63 -2.60
CA ASN A 486 -7.03 1.38 -3.93
C ASN A 486 -8.10 1.68 -5.00
N GLU A 487 -9.36 1.35 -4.70
CA GLU A 487 -10.44 1.63 -5.65
C GLU A 487 -10.52 3.15 -5.88
N LYS A 488 -10.41 3.92 -4.80
CA LYS A 488 -10.47 5.38 -4.88
C LYS A 488 -9.30 5.99 -5.65
N LEU A 489 -8.10 5.46 -5.44
CA LEU A 489 -6.94 5.99 -6.13
C LEU A 489 -7.05 5.74 -7.63
N GLN A 490 -7.59 4.59 -8.01
CA GLN A 490 -7.78 4.25 -9.41
C GLN A 490 -8.81 5.19 -10.04
N GLN A 491 -9.86 5.52 -9.27
CA GLN A 491 -10.89 6.42 -9.76
C GLN A 491 -10.29 7.81 -9.94
N PHE A 492 -9.36 8.17 -9.05
CA PHE A 492 -8.70 9.48 -9.14
C PHE A 492 -7.93 9.53 -10.45
N PHE A 493 -7.33 8.40 -10.83
CA PHE A 493 -6.57 8.30 -12.08
C PHE A 493 -7.53 8.44 -13.27
N ASN A 494 -8.66 7.75 -13.20
CA ASN A 494 -9.66 7.79 -14.29
C ASN A 494 -10.18 9.20 -14.48
N HIS A 495 -10.42 9.87 -13.35
CA HIS A 495 -10.95 11.22 -13.32
C HIS A 495 -10.01 12.21 -14.01
N HIS A 496 -8.75 12.22 -13.59
CA HIS A 496 -7.76 13.13 -14.17
C HIS A 496 -7.37 12.80 -15.60
N MET A 497 -7.33 11.52 -15.93
CA MET A 497 -6.93 11.09 -17.26
C MET A 497 -8.03 11.15 -18.31
N PHE A 498 -9.26 10.88 -17.89
CA PHE A 498 -10.36 10.84 -18.83
C PHE A 498 -11.50 11.82 -18.61
N LYS A 499 -12.02 11.89 -17.39
CA LYS A 499 -13.14 12.77 -17.11
C LYS A 499 -12.82 14.26 -17.28
N LEU A 500 -11.90 14.77 -16.46
CA LEU A 500 -11.53 16.17 -16.55
C LEU A 500 -10.90 16.52 -17.89
N GLU A 501 -10.15 15.58 -18.43
CA GLU A 501 -9.50 15.78 -19.71
C GLU A 501 -10.52 16.19 -20.77
N GLN A 502 -11.50 15.33 -21.01
CA GLN A 502 -12.53 15.61 -21.98
C GLN A 502 -13.44 16.75 -21.56
N GLU A 503 -13.51 17.01 -20.25
CA GLU A 503 -14.35 18.10 -19.74
C GLU A 503 -13.74 19.40 -20.25
N GLU A 504 -12.42 19.43 -20.30
CA GLU A 504 -11.68 20.59 -20.77
C GLU A 504 -11.98 20.80 -22.26
N TYR A 505 -11.81 19.72 -23.04
CA TYR A 505 -12.05 19.79 -24.48
C TYR A 505 -13.44 20.32 -24.81
N LEU A 506 -14.45 19.82 -24.11
CA LEU A 506 -15.83 20.23 -24.34
C LEU A 506 -16.10 21.62 -23.77
N LYS A 507 -15.28 22.04 -22.82
CA LYS A 507 -15.43 23.36 -22.21
C LYS A 507 -14.91 24.40 -23.21
N GLU A 508 -13.71 24.13 -23.73
CA GLU A 508 -13.06 25.02 -24.68
C GLU A 508 -13.55 24.70 -26.09
N LYS A 509 -14.36 23.65 -26.19
CA LYS A 509 -14.91 23.18 -27.48
C LYS A 509 -14.22 23.06 -28.83
N ILE A 510 -13.15 22.28 -28.87
CA ILE A 510 -12.37 22.10 -30.08
C ILE A 510 -12.86 21.05 -31.08
N ASN A 511 -14.19 20.87 -31.12
CA ASN A 511 -14.82 19.90 -32.00
C ASN A 511 -14.43 18.48 -31.63
N TRP A 512 -14.56 18.18 -30.34
CA TRP A 512 -14.23 16.87 -29.79
C TRP A 512 -15.49 16.10 -29.44
N THR A 513 -15.57 14.85 -29.91
CA THR A 513 -16.71 14.02 -29.60
C THR A 513 -16.31 13.15 -28.41
N PHE A 514 -17.10 13.23 -27.34
CA PHE A 514 -16.85 12.47 -26.13
C PHE A 514 -16.56 11.00 -26.44
N ILE A 515 -15.65 10.41 -25.65
CA ILE A 515 -15.29 9.01 -25.80
C ILE A 515 -15.52 8.32 -24.45
N ASP A 516 -16.16 7.16 -24.49
CA ASP A 516 -16.41 6.41 -23.27
C ASP A 516 -15.31 5.37 -23.12
N PHE A 517 -14.33 5.65 -22.26
CA PHE A 517 -13.22 4.74 -22.06
C PHE A 517 -13.54 3.48 -21.23
N GLY A 518 -14.79 3.37 -20.78
CA GLY A 518 -15.22 2.21 -20.01
C GLY A 518 -14.58 1.97 -18.67
N LEU A 519 -13.96 3.00 -18.10
CA LEU A 519 -13.32 2.88 -16.80
C LEU A 519 -14.05 3.74 -15.77
N ASP A 520 -14.79 3.10 -14.89
CA ASP A 520 -15.54 3.82 -13.85
C ASP A 520 -15.78 2.92 -12.64
N SER A 521 -15.19 3.29 -11.52
CA SER A 521 -15.33 2.53 -10.26
C SER A 521 -16.38 3.15 -9.35
N GLN A 522 -17.22 4.03 -9.90
CA GLN A 522 -18.23 4.71 -9.10
C GLN A 522 -19.23 3.76 -8.44
N ALA A 523 -19.70 2.78 -9.20
CA ALA A 523 -20.67 1.82 -8.68
C ALA A 523 -20.09 1.08 -7.47
N THR A 524 -18.84 0.65 -7.57
CA THR A 524 -18.19 -0.05 -6.47
C THR A 524 -18.01 0.90 -5.30
N ILE A 525 -17.56 2.12 -5.60
CA ILE A 525 -17.36 3.13 -4.57
C ILE A 525 -18.66 3.43 -3.84
N ASP A 526 -19.76 3.54 -4.59
CA ASP A 526 -21.06 3.82 -3.98
C ASP A 526 -21.49 2.66 -3.09
N LEU A 527 -21.29 1.44 -3.58
CA LEU A 527 -21.67 0.26 -2.80
C LEU A 527 -20.97 0.26 -1.43
N ILE A 528 -19.72 0.71 -1.40
CA ILE A 528 -18.95 0.71 -0.16
C ILE A 528 -19.17 1.93 0.74
N ASP A 529 -19.14 3.13 0.17
CA ASP A 529 -19.29 4.33 0.97
C ASP A 529 -20.50 5.22 0.60
N GLY A 530 -21.45 4.67 -0.13
CA GLY A 530 -22.62 5.44 -0.53
C GLY A 530 -23.42 5.94 0.66
N ARG A 531 -23.98 7.15 0.53
CA ARG A 531 -24.79 7.74 1.59
C ARG A 531 -26.27 7.46 1.35
N GLN A 532 -26.75 7.76 0.16
CA GLN A 532 -28.15 7.52 -0.18
C GLN A 532 -28.29 6.93 -1.59
N PRO A 533 -28.58 5.62 -1.66
CA PRO A 533 -28.78 4.76 -0.49
C PRO A 533 -27.48 4.53 0.28
N PRO A 534 -27.59 4.12 1.56
CA PRO A 534 -26.42 3.85 2.41
C PRO A 534 -25.59 2.66 1.94
N GLY A 535 -24.27 2.82 1.98
CA GLY A 535 -23.38 1.76 1.55
C GLY A 535 -22.99 0.82 2.69
N ILE A 536 -22.07 -0.10 2.39
CA ILE A 536 -21.59 -1.07 3.36
C ILE A 536 -21.09 -0.45 4.67
N LEU A 537 -20.25 0.58 4.56
CA LEU A 537 -19.72 1.22 5.77
C LEU A 537 -20.82 1.90 6.60
N ALA A 538 -21.76 2.54 5.91
CA ALA A 538 -22.86 3.22 6.59
C ALA A 538 -23.67 2.20 7.39
N LEU A 539 -23.98 1.09 6.76
CA LEU A 539 -24.73 0.04 7.45
C LEU A 539 -23.90 -0.54 8.57
N LEU A 540 -22.59 -0.64 8.35
CA LEU A 540 -21.70 -1.18 9.37
C LEU A 540 -21.83 -0.33 10.63
N ASP A 541 -21.68 0.98 10.47
CA ASP A 541 -21.80 1.91 11.59
C ASP A 541 -23.16 1.81 12.27
N GLU A 542 -24.21 1.75 11.45
CA GLU A 542 -25.57 1.65 11.94
C GLU A 542 -25.71 0.44 12.88
N GLN A 543 -25.22 -0.71 12.43
CA GLN A 543 -25.27 -1.93 13.23
C GLN A 543 -24.39 -1.79 14.47
N SER A 544 -23.37 -0.94 14.38
CA SER A 544 -22.45 -0.73 15.50
C SER A 544 -23.10 -0.04 16.69
N VAL A 545 -24.18 0.69 16.47
CA VAL A 545 -24.86 1.37 17.55
C VAL A 545 -26.03 0.53 18.08
N PHE A 546 -26.57 -0.30 17.20
CA PHE A 546 -27.69 -1.19 17.55
C PHE A 546 -27.22 -2.12 18.67
N PRO A 547 -27.70 -1.87 19.90
CA PRO A 547 -27.37 -2.64 21.11
C PRO A 547 -27.43 -4.17 21.01
N ASN A 548 -28.27 -4.69 20.12
CA ASN A 548 -28.41 -6.15 19.99
C ASN A 548 -27.83 -6.74 18.71
N ALA A 549 -27.14 -5.92 17.93
CA ALA A 549 -26.56 -6.39 16.67
C ALA A 549 -25.43 -7.40 16.86
N THR A 550 -25.34 -8.33 15.92
CA THR A 550 -24.29 -9.35 15.92
C THR A 550 -23.69 -9.32 14.52
N ASP A 551 -22.58 -10.02 14.30
CA ASP A 551 -21.99 -10.05 12.97
C ASP A 551 -23.00 -10.67 12.02
N ASN A 552 -23.85 -11.54 12.56
CA ASN A 552 -24.87 -12.21 11.78
C ASN A 552 -25.96 -11.23 11.34
N THR A 553 -26.42 -10.39 12.26
CA THR A 553 -27.44 -9.42 11.92
C THR A 553 -26.85 -8.40 10.95
N LEU A 554 -25.54 -8.19 11.05
CA LEU A 554 -24.85 -7.26 10.16
C LEU A 554 -24.82 -7.77 8.72
N ILE A 555 -24.44 -9.03 8.54
CA ILE A 555 -24.38 -9.55 7.17
C ILE A 555 -25.78 -9.72 6.60
N THR A 556 -26.75 -10.07 7.45
CA THR A 556 -28.13 -10.24 7.01
C THR A 556 -28.62 -8.89 6.46
N LYS A 557 -28.25 -7.84 7.17
CA LYS A 557 -28.61 -6.47 6.80
C LYS A 557 -27.97 -6.13 5.44
N LEU A 558 -26.69 -6.47 5.28
CA LEU A 558 -26.00 -6.19 4.02
C LEU A 558 -26.67 -6.93 2.85
N HIS A 559 -26.96 -8.21 3.05
CA HIS A 559 -27.60 -9.00 1.99
C HIS A 559 -28.95 -8.38 1.62
N SER A 560 -29.71 -7.99 2.63
CA SER A 560 -31.03 -7.40 2.40
C SER A 560 -30.94 -6.20 1.46
N HIS A 561 -29.98 -5.33 1.72
CA HIS A 561 -29.79 -4.12 0.93
C HIS A 561 -29.16 -4.30 -0.44
N PHE A 562 -28.24 -5.24 -0.58
CA PHE A 562 -27.54 -5.38 -1.85
C PHE A 562 -27.67 -6.67 -2.66
N SER A 563 -28.12 -7.74 -2.03
CA SER A 563 -28.25 -9.00 -2.76
C SER A 563 -29.27 -8.85 -3.89
N LYS A 564 -28.83 -9.12 -5.11
CA LYS A 564 -29.70 -9.03 -6.27
C LYS A 564 -30.16 -7.59 -6.53
N LYS A 565 -29.55 -6.64 -5.82
CA LYS A 565 -29.91 -5.24 -5.98
C LYS A 565 -28.76 -4.37 -6.48
N ASN A 566 -27.53 -4.70 -6.09
CA ASN A 566 -26.38 -3.95 -6.55
C ASN A 566 -25.51 -4.87 -7.39
N ALA A 567 -25.19 -4.42 -8.60
CA ALA A 567 -24.40 -5.22 -9.53
C ALA A 567 -22.97 -5.48 -9.10
N LYS A 568 -22.49 -4.76 -8.08
CA LYS A 568 -21.11 -4.97 -7.63
C LYS A 568 -21.06 -5.83 -6.37
N TYR A 569 -22.22 -6.26 -5.92
CA TYR A 569 -22.33 -7.05 -4.71
C TYR A 569 -22.80 -8.47 -4.97
N GLU A 570 -22.31 -9.40 -4.16
CA GLU A 570 -22.74 -10.79 -4.31
C GLU A 570 -22.96 -11.50 -2.99
N GLU A 571 -24.10 -12.16 -2.88
CA GLU A 571 -24.41 -12.95 -1.70
C GLU A 571 -24.08 -14.36 -2.15
N PRO A 572 -22.96 -14.91 -1.67
CA PRO A 572 -22.56 -16.27 -2.07
C PRO A 572 -23.55 -17.35 -1.64
N ARG A 573 -23.65 -18.39 -2.43
CA ARG A 573 -24.55 -19.52 -2.15
C ARG A 573 -23.80 -20.57 -1.32
N PHE A 574 -22.47 -20.45 -1.29
CA PHE A 574 -21.62 -21.38 -0.59
C PHE A 574 -21.29 -20.98 0.85
N SER A 575 -21.81 -19.85 1.31
CA SER A 575 -21.49 -19.40 2.66
C SER A 575 -22.53 -18.42 3.19
N LYS A 576 -22.63 -18.34 4.51
CA LYS A 576 -23.57 -17.44 5.15
C LYS A 576 -22.84 -16.34 5.91
N THR A 577 -21.51 -16.40 5.91
CA THR A 577 -20.70 -15.41 6.64
C THR A 577 -19.82 -14.52 5.74
N GLU A 578 -19.99 -14.62 4.42
CA GLU A 578 -19.20 -13.82 3.50
C GLU A 578 -20.02 -13.10 2.44
N PHE A 579 -19.50 -11.99 1.94
CA PHE A 579 -20.16 -11.25 0.88
C PHE A 579 -19.07 -10.83 -0.11
N GLY A 580 -19.40 -10.78 -1.39
CA GLY A 580 -18.42 -10.41 -2.39
C GLY A 580 -18.57 -9.01 -2.94
N VAL A 581 -17.44 -8.35 -3.17
CA VAL A 581 -17.42 -7.01 -3.74
C VAL A 581 -16.59 -7.10 -5.00
N THR A 582 -17.14 -6.64 -6.10
CA THR A 582 -16.43 -6.63 -7.36
C THR A 582 -15.65 -5.33 -7.47
N HIS A 583 -14.34 -5.41 -7.29
CA HIS A 583 -13.46 -4.25 -7.36
C HIS A 583 -12.89 -4.13 -8.78
N TYR A 584 -12.24 -3.01 -9.06
CA TYR A 584 -11.62 -2.81 -10.36
C TYR A 584 -10.56 -3.89 -10.58
N ALA A 585 -9.90 -4.29 -9.50
CA ALA A 585 -8.84 -5.30 -9.59
C ALA A 585 -9.35 -6.73 -9.46
N GLY A 586 -10.65 -6.91 -9.27
CA GLY A 586 -11.22 -8.25 -9.16
C GLY A 586 -12.20 -8.38 -8.00
N GLN A 587 -13.00 -9.45 -8.01
CA GLN A 587 -13.97 -9.68 -6.94
C GLN A 587 -13.29 -10.21 -5.67
N VAL A 588 -13.71 -9.71 -4.53
CA VAL A 588 -13.14 -10.14 -3.25
C VAL A 588 -14.26 -10.58 -2.31
N MET A 589 -14.09 -11.76 -1.71
CA MET A 589 -15.08 -12.29 -0.75
C MET A 589 -14.59 -11.90 0.66
N TYR A 590 -15.46 -11.22 1.40
CA TYR A 590 -15.13 -10.77 2.75
C TYR A 590 -15.85 -11.54 3.86
N GLU A 591 -15.08 -11.97 4.86
CA GLU A 591 -15.62 -12.71 6.01
C GLU A 591 -16.09 -11.65 7.00
N ILE A 592 -17.34 -11.77 7.45
CA ILE A 592 -17.96 -10.82 8.37
C ILE A 592 -17.57 -10.96 9.85
N GLN A 593 -16.93 -12.07 10.21
CA GLN A 593 -16.53 -12.31 11.58
C GLN A 593 -15.72 -11.16 12.20
N ASP A 594 -16.15 -10.73 13.38
CA ASP A 594 -15.50 -9.66 14.14
C ASP A 594 -15.63 -8.24 13.61
N TRP A 595 -16.44 -8.02 12.59
CA TRP A 595 -16.56 -6.67 12.03
C TRP A 595 -17.13 -5.64 13.03
N LEU A 596 -18.13 -6.02 13.82
CA LEU A 596 -18.68 -5.06 14.78
C LEU A 596 -17.63 -4.66 15.81
N GLU A 597 -16.98 -5.64 16.43
CA GLU A 597 -15.96 -5.35 17.44
C GLU A 597 -14.78 -4.59 16.82
N LYS A 598 -14.35 -4.98 15.63
CA LYS A 598 -13.23 -4.28 15.01
C LYS A 598 -13.62 -2.83 14.75
N ASN A 599 -14.86 -2.60 14.32
CA ASN A 599 -15.33 -1.26 14.04
C ASN A 599 -15.54 -0.44 15.31
N LYS A 600 -16.06 -1.07 16.36
CA LYS A 600 -16.27 -0.36 17.63
C LYS A 600 -14.91 -0.13 18.29
N ASP A 601 -14.01 -1.10 18.14
CA ASP A 601 -12.66 -0.99 18.67
C ASP A 601 -12.64 -0.58 20.15
N PRO A 602 -13.33 -1.35 21.00
CA PRO A 602 -13.45 -1.11 22.45
C PRO A 602 -12.20 -1.41 23.29
N LEU A 603 -12.14 -0.78 24.46
CA LEU A 603 -11.05 -0.95 25.41
C LEU A 603 -11.56 -0.58 26.80
N GLN A 604 -11.54 -1.54 27.72
CA GLN A 604 -11.99 -1.29 29.09
C GLN A 604 -11.26 -0.12 29.72
N GLN A 605 -12.04 0.85 30.23
CA GLN A 605 -11.47 2.03 30.88
C GLN A 605 -10.52 1.65 32.02
N ASP A 606 -10.83 0.54 32.70
CA ASP A 606 -9.98 0.11 33.81
C ASP A 606 -8.57 -0.21 33.32
N LEU A 607 -8.45 -0.60 32.05
CA LEU A 607 -7.14 -0.89 31.49
C LEU A 607 -6.43 0.43 31.25
N GLU A 608 -7.17 1.43 30.77
CA GLU A 608 -6.57 2.73 30.53
C GLU A 608 -6.14 3.39 31.85
N LEU A 609 -6.93 3.19 32.90
CA LEU A 609 -6.61 3.76 34.20
C LEU A 609 -5.37 3.07 34.75
N CYS A 610 -5.25 1.77 34.47
CA CYS A 610 -4.10 1.01 34.93
C CYS A 610 -2.81 1.54 34.31
N PHE A 611 -2.83 1.79 32.99
CA PHE A 611 -1.63 2.29 32.32
C PHE A 611 -1.38 3.79 32.48
N LYS A 612 -2.41 4.56 32.81
CA LYS A 612 -2.23 6.00 33.02
C LYS A 612 -1.29 6.20 34.22
N ASP A 613 -1.29 5.21 35.11
CA ASP A 613 -0.46 5.22 36.32
C ASP A 613 0.88 4.54 36.10
N SER A 614 1.31 4.42 34.85
CA SER A 614 2.57 3.78 34.55
C SER A 614 3.75 4.67 34.93
N SER A 615 4.77 4.08 35.52
CA SER A 615 5.96 4.83 35.92
C SER A 615 6.81 5.22 34.71
N ASP A 616 6.58 4.56 33.58
CA ASP A 616 7.33 4.84 32.35
C ASP A 616 6.79 6.07 31.64
N ASN A 617 7.69 6.96 31.22
CA ASN A 617 7.31 8.18 30.53
C ASN A 617 6.58 7.97 29.22
N VAL A 618 7.16 7.16 28.34
CA VAL A 618 6.52 6.90 27.04
C VAL A 618 5.13 6.35 27.25
N VAL A 619 5.02 5.28 28.04
CA VAL A 619 3.74 4.66 28.32
C VAL A 619 2.73 5.70 28.82
N THR A 620 3.15 6.49 29.81
CA THR A 620 2.28 7.52 30.37
C THR A 620 1.78 8.46 29.27
N LYS A 621 2.66 8.78 28.33
CA LYS A 621 2.31 9.67 27.24
C LYS A 621 1.27 9.03 26.31
N LEU A 622 1.38 7.73 26.10
CA LEU A 622 0.45 7.01 25.24
C LEU A 622 -0.97 6.97 25.79
N PHE A 623 -1.10 7.09 27.11
CA PHE A 623 -2.42 7.07 27.74
C PHE A 623 -2.88 8.39 28.34
N ASN A 624 -2.04 9.41 28.26
CA ASN A 624 -2.40 10.71 28.83
C ASN A 624 -2.43 11.80 27.77
N ASP A 625 -1.61 11.65 26.73
CA ASP A 625 -1.59 12.63 25.65
C ASP A 625 -2.91 12.52 24.90
N PRO A 626 -3.75 13.56 24.98
CA PRO A 626 -5.05 13.52 24.29
C PRO A 626 -4.93 13.19 22.81
N ASN A 627 -4.07 13.90 22.10
CA ASN A 627 -3.91 13.66 20.67
C ASN A 627 -3.41 12.26 20.30
N ILE A 628 -3.35 11.38 21.29
CA ILE A 628 -2.91 10.01 21.07
C ILE A 628 -3.83 9.04 21.81
N ALA A 629 -4.17 9.39 23.04
CA ALA A 629 -5.03 8.56 23.87
C ALA A 629 -6.51 8.90 23.73
N SER A 630 -6.81 10.15 23.40
CA SER A 630 -8.20 10.58 23.28
C SER A 630 -8.86 10.07 22.00
N ARG A 631 -10.18 9.91 22.06
CA ARG A 631 -10.94 9.44 20.91
C ARG A 631 -12.19 10.28 20.76
N ALA A 632 -12.38 10.83 19.56
CA ALA A 632 -13.53 11.65 19.26
C ALA A 632 -14.81 10.87 19.55
N LYS A 633 -15.88 11.60 19.87
CA LYS A 633 -17.16 10.98 20.16
C LYS A 633 -18.23 11.37 19.15
N LYS A 634 -18.79 10.36 18.49
CA LYS A 634 -19.85 10.55 17.51
C LYS A 634 -21.13 10.75 18.29
N GLY A 635 -21.20 11.87 19.02
CA GLY A 635 -22.37 12.15 19.82
C GLY A 635 -22.38 11.34 21.09
N ALA A 636 -23.18 10.28 21.11
CA ALA A 636 -23.28 9.40 22.28
C ALA A 636 -22.22 8.31 22.30
N ASN A 637 -21.78 7.89 21.12
CA ASN A 637 -20.78 6.83 21.01
C ASN A 637 -19.44 7.35 20.52
N PHE A 638 -18.39 6.55 20.70
CA PHE A 638 -17.06 6.92 20.25
C PHE A 638 -16.99 6.74 18.74
N ILE A 639 -16.22 7.59 18.07
CA ILE A 639 -16.10 7.49 16.62
C ILE A 639 -15.61 6.08 16.24
N THR A 640 -16.29 5.48 15.27
CA THR A 640 -15.95 4.14 14.81
C THR A 640 -14.72 4.18 13.91
N VAL A 641 -14.12 3.02 13.68
CA VAL A 641 -12.93 2.94 12.84
C VAL A 641 -13.30 3.29 11.40
N ALA A 642 -14.49 2.86 10.96
CA ALA A 642 -14.94 3.17 9.61
C ALA A 642 -15.06 4.70 9.48
N ALA A 643 -15.51 5.34 10.55
CA ALA A 643 -15.66 6.79 10.53
C ALA A 643 -14.28 7.45 10.49
N GLN A 644 -13.34 6.91 11.25
CA GLN A 644 -11.98 7.45 11.25
C GLN A 644 -11.42 7.25 9.85
N TYR A 645 -11.66 6.07 9.29
CA TYR A 645 -11.20 5.75 7.95
C TYR A 645 -11.67 6.79 6.93
N LYS A 646 -12.99 7.00 6.91
CA LYS A 646 -13.59 7.96 5.98
C LYS A 646 -12.99 9.35 6.11
N GLU A 647 -12.69 9.73 7.35
CA GLU A 647 -12.11 11.04 7.64
C GLU A 647 -10.73 11.17 6.99
N GLN A 648 -9.86 10.18 7.23
CA GLN A 648 -8.51 10.21 6.64
C GLN A 648 -8.57 10.16 5.12
N LEU A 649 -9.45 9.34 4.56
CA LEU A 649 -9.56 9.29 3.11
C LEU A 649 -9.96 10.66 2.58
N ALA A 650 -11.05 11.21 3.11
CA ALA A 650 -11.55 12.53 2.70
C ALA A 650 -10.44 13.57 2.78
N SER A 651 -9.66 13.52 3.86
CA SER A 651 -8.56 14.44 4.05
C SER A 651 -7.54 14.32 2.91
N LEU A 652 -7.22 13.10 2.53
CA LEU A 652 -6.25 12.87 1.45
C LEU A 652 -6.78 13.42 0.13
N MET A 653 -8.00 13.04 -0.22
CA MET A 653 -8.61 13.49 -1.47
C MET A 653 -8.64 15.01 -1.56
N ALA A 654 -8.95 15.67 -0.45
CA ALA A 654 -9.00 17.13 -0.44
C ALA A 654 -7.60 17.66 -0.73
N THR A 655 -6.60 17.08 -0.07
CA THR A 655 -5.23 17.51 -0.28
C THR A 655 -4.81 17.33 -1.74
N LEU A 656 -5.07 16.14 -2.28
CA LEU A 656 -4.71 15.86 -3.66
C LEU A 656 -5.30 16.88 -4.63
N GLU A 657 -6.46 17.43 -4.27
CA GLU A 657 -7.10 18.41 -5.12
C GLU A 657 -6.31 19.71 -5.20
N THR A 658 -5.50 19.96 -4.17
CA THR A 658 -4.69 21.17 -4.16
C THR A 658 -3.32 20.92 -4.78
N THR A 659 -3.21 19.85 -5.56
CA THR A 659 -1.94 19.52 -6.19
C THR A 659 -2.07 19.11 -7.65
N ASN A 660 -0.95 19.15 -8.34
CA ASN A 660 -0.85 18.74 -9.74
C ASN A 660 -0.28 17.32 -9.62
N PRO A 661 -1.10 16.30 -9.91
CA PRO A 661 -0.73 14.88 -9.84
C PRO A 661 0.09 14.26 -10.96
N HIS A 662 0.98 13.36 -10.55
CA HIS A 662 1.83 12.61 -11.48
C HIS A 662 1.61 11.15 -11.10
N PHE A 663 1.32 10.31 -12.08
CA PHE A 663 1.06 8.90 -11.81
C PHE A 663 2.17 7.93 -12.21
N VAL A 664 2.43 6.98 -11.32
CA VAL A 664 3.41 5.94 -11.56
C VAL A 664 2.66 4.65 -11.29
N ARG A 665 2.55 3.79 -12.30
CA ARG A 665 1.83 2.53 -12.13
C ARG A 665 2.81 1.38 -11.91
N CYS A 666 2.88 0.89 -10.67
CA CYS A 666 3.77 -0.23 -10.34
C CYS A 666 3.05 -1.51 -10.73
N ILE A 667 3.80 -2.43 -11.34
CA ILE A 667 3.24 -3.69 -11.82
C ILE A 667 4.01 -4.90 -11.29
N ILE A 668 3.30 -5.82 -10.64
CA ILE A 668 3.96 -7.01 -10.12
C ILE A 668 4.06 -7.99 -11.30
N PRO A 669 5.24 -8.59 -11.52
CA PRO A 669 5.46 -9.53 -12.63
C PRO A 669 4.84 -10.91 -12.46
N ASN A 670 4.69 -11.33 -11.21
CA ASN A 670 4.13 -12.63 -10.89
C ASN A 670 3.72 -12.62 -9.42
N ASN A 671 3.21 -13.73 -8.94
CA ASN A 671 2.76 -13.82 -7.56
C ASN A 671 3.68 -14.69 -6.70
N LYS A 672 4.94 -14.76 -7.08
CA LYS A 672 5.91 -15.58 -6.35
C LYS A 672 7.10 -14.77 -5.87
N GLN A 673 7.04 -13.46 -6.09
CA GLN A 673 8.14 -12.61 -5.67
C GLN A 673 9.46 -13.10 -6.26
N LEU A 674 9.42 -13.50 -7.53
CA LEU A 674 10.60 -13.99 -8.24
C LEU A 674 10.98 -13.07 -9.40
N PRO A 675 12.29 -12.88 -9.63
CA PRO A 675 12.76 -12.03 -10.72
C PRO A 675 12.79 -12.85 -12.01
N ALA A 676 13.05 -12.21 -13.15
CA ALA A 676 13.13 -12.89 -14.44
C ALA A 676 12.00 -13.87 -14.70
N LYS A 677 10.79 -13.52 -14.28
CA LYS A 677 9.65 -14.40 -14.49
C LYS A 677 8.38 -13.59 -14.70
N LEU A 678 8.32 -12.96 -15.87
CA LEU A 678 7.19 -12.13 -16.26
C LEU A 678 6.05 -13.01 -16.77
N GLU A 679 4.97 -13.11 -16.00
CA GLU A 679 3.82 -13.92 -16.39
C GLU A 679 2.74 -13.04 -17.02
N ASP A 680 2.41 -13.33 -18.28
CA ASP A 680 1.44 -12.55 -19.03
C ASP A 680 0.08 -12.33 -18.38
N LYS A 681 -0.54 -13.41 -17.89
CA LYS A 681 -1.85 -13.29 -17.25
C LYS A 681 -1.82 -12.31 -16.09
N VAL A 682 -0.83 -12.47 -15.21
CA VAL A 682 -0.68 -11.60 -14.05
C VAL A 682 -0.51 -10.13 -14.47
N VAL A 683 0.38 -9.89 -15.42
CA VAL A 683 0.66 -8.55 -15.91
C VAL A 683 -0.50 -7.93 -16.68
N LEU A 684 -1.09 -8.70 -17.58
CA LEU A 684 -2.20 -8.21 -18.39
C LEU A 684 -3.43 -7.82 -17.56
N ASP A 685 -3.74 -8.57 -16.49
CA ASP A 685 -4.89 -8.21 -15.66
C ASP A 685 -4.65 -6.82 -15.06
N GLN A 686 -3.42 -6.54 -14.65
CA GLN A 686 -3.08 -5.24 -14.07
C GLN A 686 -3.12 -4.15 -15.13
N LEU A 687 -2.57 -4.43 -16.30
CA LEU A 687 -2.58 -3.44 -17.36
C LEU A 687 -4.04 -3.07 -17.66
N ARG A 688 -4.90 -4.08 -17.70
CA ARG A 688 -6.31 -3.84 -17.95
C ARG A 688 -7.02 -3.04 -16.86
N CYS A 689 -6.97 -3.52 -15.62
CA CYS A 689 -7.69 -2.79 -14.57
C CYS A 689 -7.07 -1.45 -14.20
N ASN A 690 -5.80 -1.24 -14.57
CA ASN A 690 -5.16 0.03 -14.29
C ASN A 690 -5.55 1.08 -15.33
N GLY A 691 -6.08 0.61 -16.47
CA GLY A 691 -6.44 1.52 -17.54
C GLY A 691 -5.21 2.06 -18.27
N VAL A 692 -4.17 1.25 -18.39
CA VAL A 692 -2.94 1.67 -19.07
C VAL A 692 -3.15 1.97 -20.55
N LEU A 693 -3.69 1.00 -21.31
CA LEU A 693 -3.91 1.22 -22.73
C LEU A 693 -4.85 2.40 -22.97
N GLU A 694 -5.94 2.49 -22.21
CA GLU A 694 -6.86 3.59 -22.36
C GLU A 694 -6.10 4.89 -22.08
N GLY A 695 -5.20 4.85 -21.10
CA GLY A 695 -4.41 6.02 -20.77
C GLY A 695 -3.55 6.43 -21.96
N ILE A 696 -3.03 5.45 -22.69
CA ILE A 696 -2.20 5.75 -23.84
C ILE A 696 -3.06 6.27 -24.99
N ARG A 697 -4.26 5.69 -25.14
CA ARG A 697 -5.15 6.12 -26.20
C ARG A 697 -5.61 7.57 -26.04
N ILE A 698 -5.89 8.00 -24.82
CA ILE A 698 -6.34 9.37 -24.62
C ILE A 698 -5.23 10.37 -24.95
N THR A 699 -4.00 9.98 -24.68
CA THR A 699 -2.86 10.85 -24.96
C THR A 699 -2.66 10.96 -26.47
N ARG A 700 -2.93 9.88 -27.18
CA ARG A 700 -2.77 9.86 -28.63
C ARG A 700 -3.88 10.61 -29.36
N LYS A 701 -5.12 10.28 -29.03
CA LYS A 701 -6.28 10.90 -29.66
C LYS A 701 -6.57 12.34 -29.23
N GLY A 702 -6.10 12.71 -28.04
CA GLY A 702 -6.37 14.05 -27.55
C GLY A 702 -5.33 15.12 -27.72
N PHE A 703 -5.44 16.16 -26.88
CA PHE A 703 -4.53 17.29 -26.91
C PHE A 703 -4.12 17.62 -25.48
N PRO A 704 -3.03 16.99 -24.99
CA PRO A 704 -2.55 17.22 -23.63
C PRO A 704 -2.20 18.62 -23.13
N ASN A 705 -1.16 19.22 -23.72
CA ASN A 705 -0.71 20.55 -23.31
C ASN A 705 -1.45 21.64 -24.09
N ARG A 706 -1.84 22.69 -23.38
CA ARG A 706 -2.55 23.82 -23.99
C ARG A 706 -2.46 25.07 -23.10
N ILE A 707 -1.88 26.14 -23.65
CA ILE A 707 -1.73 27.40 -22.91
C ILE A 707 -2.56 28.53 -23.51
N ILE A 708 -3.19 29.31 -22.64
CA ILE A 708 -4.03 30.43 -23.06
C ILE A 708 -3.27 31.39 -23.98
N TYR A 709 -4.03 32.23 -24.68
CA TYR A 709 -3.46 33.21 -25.60
C TYR A 709 -2.64 34.26 -24.85
#